data_4XO6
#
_entry.id   4XO6
#
_cell.length_a   54.640
_cell.length_b   86.950
_cell.length_c   76.720
_cell.angle_alpha   90.00
_cell.angle_beta   107.10
_cell.angle_gamma   90.00
#
_symmetry.space_group_name_H-M   'P 1 21 1'
#
loop_
_entity.id
_entity.type
_entity.pdbx_description
1 polymer 'Aldo-keto reductase family 1 member C2'
2 non-polymer 'NADP NICOTINAMIDE-ADENINE-DINUCLEOTIDE PHOSPHATE'
3 non-polymer 5ALPHA-ANDROSTAN-3,17-DIONE
4 non-polymer 'SULFATE ION'
5 non-polymer 1,2-ETHANEDIOL
6 non-polymer GLYCEROL
7 non-polymer (3Beta,5alpha)-3-Hydroxyandrostan-17-one
8 water water
#
_entity_poly.entity_id   1
_entity_poly.type   'polypeptide(L)'
_entity_poly.pdbx_seq_one_letter_code
;SVDDSKYQCVKLNDGHFMPVLGFGTYAPAEVPKSKALEAVKLAIEAGFHHIDSAHVYNNEEQVGLAIRSKIADGSVKRED
IFYTSKLWSNSHRPELVRPALERSLKNLQLDYVDLYLIHFPVSVKPGEEVIPKDENGKILFDTVDLCATWEAMEKCKDAG
LAKSIGVSNFNHRLLEMILNKPGLKYKPVCNQVECHPYFNQRKLLDFCKSKDIVLVAYSALGSHREEPWVDPNSPVLLED
PVLCALAKKHKRTPALIALRYQLQRGVVVLAKSYNEQRIRQNVQVFEFQLTSEEMKAIDGLNRNVRYLTLDIFAGPPNYP
FSDEY
;
_entity_poly.pdbx_strand_id   A,B
#
# COMPACT_ATOMS: atom_id res chain seq x y z
N SER A 1 -15.12 -12.18 -7.19
CA SER A 1 -14.27 -13.16 -6.53
C SER A 1 -14.05 -12.98 -5.04
N VAL A 2 -12.84 -13.16 -4.53
CA VAL A 2 -12.67 -13.49 -3.11
C VAL A 2 -13.16 -12.44 -2.12
N ASP A 3 -12.70 -11.21 -2.30
CA ASP A 3 -13.16 -10.13 -1.47
C ASP A 3 -13.06 -8.77 -2.18
N ASP A 4 -14.12 -8.42 -2.85
CA ASP A 4 -14.14 -7.16 -3.54
C ASP A 4 -14.51 -5.97 -2.71
N SER A 5 -14.71 -6.17 -1.39
CA SER A 5 -15.16 -5.01 -0.53
C SER A 5 -13.95 -4.11 -0.10
N LYS A 6 -12.75 -4.68 -0.24
CA LYS A 6 -11.51 -4.02 0.23
C LYS A 6 -10.63 -3.86 -1.03
N TYR A 7 -9.76 -2.85 -0.99
CA TYR A 7 -8.82 -2.55 -2.10
C TYR A 7 -7.68 -1.69 -1.53
N GLN A 8 -6.52 -1.71 -2.19
CA GLN A 8 -5.39 -0.98 -1.64
C GLN A 8 -5.51 0.52 -1.85
N CYS A 9 -5.35 1.22 -0.76
CA CYS A 9 -5.34 2.74 -0.77
CA CYS A 9 -5.37 2.70 -0.75
C CYS A 9 -4.20 3.27 0.02
N VAL A 10 -3.93 4.55 -0.17
CA VAL A 10 -2.93 5.27 0.62
C VAL A 10 -3.62 6.41 1.34
N LYS A 11 -3.22 6.72 2.57
CA LYS A 11 -3.81 7.83 3.36
C LYS A 11 -3.18 9.17 2.92
N LEU A 12 -3.99 10.11 2.47
CA LEU A 12 -3.54 11.45 2.04
C LEU A 12 -3.30 12.30 3.24
N ASN A 13 -2.69 13.43 3.00
CA ASN A 13 -2.38 14.35 4.11
C ASN A 13 -3.55 15.11 4.64
N ASP A 14 -4.72 14.98 4.07
CA ASP A 14 -5.96 15.56 4.60
C ASP A 14 -6.85 14.49 5.22
N GLY A 15 -6.31 13.29 5.40
CA GLY A 15 -7.12 12.19 6.05
C GLY A 15 -7.94 11.38 5.13
N HIS A 16 -8.16 11.79 3.86
CA HIS A 16 -8.85 10.94 2.93
C HIS A 16 -7.99 9.83 2.39
N PHE A 17 -8.61 8.82 1.83
CA PHE A 17 -7.85 7.67 1.27
C PHE A 17 -8.00 7.57 -0.20
N MET A 18 -6.90 7.42 -0.92
CA MET A 18 -6.86 7.36 -2.41
C MET A 18 -6.56 5.91 -2.82
N PRO A 19 -7.35 5.24 -3.66
CA PRO A 19 -6.93 3.92 -4.19
C PRO A 19 -5.66 4.05 -4.99
N VAL A 20 -4.76 3.10 -4.86
CA VAL A 20 -3.42 3.28 -5.47
C VAL A 20 -3.36 2.97 -6.93
N LEU A 21 -4.35 2.33 -7.54
CA LEU A 21 -4.44 2.15 -8.97
C LEU A 21 -5.59 2.99 -9.50
N GLY A 22 -5.30 3.89 -10.42
CA GLY A 22 -6.36 4.73 -10.97
C GLY A 22 -6.54 4.40 -12.46
N PHE A 23 -7.78 4.60 -12.89
CA PHE A 23 -8.14 4.38 -14.33
C PHE A 23 -8.07 5.69 -15.07
N GLY A 24 -7.19 5.71 -16.05
CA GLY A 24 -7.08 6.91 -16.91
C GLY A 24 -8.16 6.97 -17.94
N THR A 25 -8.72 8.13 -18.24
CA THR A 25 -9.86 8.21 -19.16
C THR A 25 -9.52 9.03 -20.36
N TYR A 26 -8.45 9.68 -20.50
CA TYR A 26 -8.19 10.52 -21.71
C TYR A 26 -8.01 9.61 -22.92
N ALA A 27 -8.64 9.99 -24.03
CA ALA A 27 -8.32 9.34 -25.31
C ALA A 27 -8.29 10.40 -26.37
N PRO A 28 -7.46 10.16 -27.43
CA PRO A 28 -7.45 11.14 -28.52
C PRO A 28 -8.85 11.41 -29.14
N ALA A 29 -9.06 12.64 -29.68
CA ALA A 29 -10.44 13.11 -30.10
C ALA A 29 -11.06 12.24 -31.18
N GLU A 30 -10.22 11.53 -31.91
CA GLU A 30 -10.73 10.57 -32.93
C GLU A 30 -11.39 9.32 -32.35
N VAL A 31 -11.17 9.07 -31.06
CA VAL A 31 -11.87 7.92 -30.47
C VAL A 31 -13.25 8.39 -29.99
N PRO A 32 -14.35 7.71 -30.40
CA PRO A 32 -15.69 8.19 -29.98
C PRO A 32 -15.84 8.19 -28.46
N LYS A 33 -16.57 9.15 -27.94
CA LYS A 33 -16.81 9.29 -26.49
C LYS A 33 -17.57 8.10 -25.94
N SER A 34 -18.22 7.37 -26.83
CA SER A 34 -18.99 6.22 -26.41
C SER A 34 -18.02 5.29 -25.73
N LYS A 35 -16.80 5.23 -26.27
CA LYS A 35 -15.82 4.25 -25.76
C LYS A 35 -15.47 4.68 -24.29
N ALA A 36 -15.54 5.95 -23.89
CA ALA A 36 -15.26 6.34 -22.49
C ALA A 36 -16.33 5.82 -21.54
N LEU A 37 -17.63 5.93 -21.95
CA LEU A 37 -18.67 5.39 -21.13
C LEU A 37 -18.43 3.88 -20.89
N GLU A 38 -18.24 3.16 -22.02
CA GLU A 38 -18.01 1.71 -21.97
CA GLU A 38 -18.08 1.70 -21.91
C GLU A 38 -16.81 1.37 -21.08
N ALA A 39 -15.71 2.07 -21.32
CA ALA A 39 -14.43 1.70 -20.68
C ALA A 39 -14.56 1.94 -19.17
N VAL A 40 -15.15 3.05 -18.71
CA VAL A 40 -15.27 3.27 -17.25
C VAL A 40 -16.14 2.24 -16.63
N LYS A 41 -17.25 1.88 -17.27
CA LYS A 41 -18.05 0.78 -16.71
C LYS A 41 -17.25 -0.52 -16.59
N LEU A 42 -16.46 -0.85 -17.62
CA LEU A 42 -15.64 -2.02 -17.56
C LEU A 42 -14.58 -1.92 -16.47
N ALA A 43 -13.97 -0.71 -16.32
CA ALA A 43 -12.95 -0.56 -15.29
C ALA A 43 -13.55 -0.78 -13.91
N ILE A 44 -14.71 -0.22 -13.65
CA ILE A 44 -15.33 -0.44 -12.35
C ILE A 44 -15.68 -1.90 -12.14
N GLU A 45 -16.19 -2.59 -13.19
CA GLU A 45 -16.41 -4.01 -13.08
C GLU A 45 -15.19 -4.82 -12.80
N ALA A 46 -14.05 -4.38 -13.33
CA ALA A 46 -12.76 -5.08 -13.11
C ALA A 46 -12.13 -4.90 -11.79
N GLY A 47 -12.57 -3.90 -11.03
CA GLY A 47 -12.03 -3.57 -9.73
C GLY A 47 -11.28 -2.28 -9.60
N PHE A 48 -11.29 -1.40 -10.60
CA PHE A 48 -10.78 -0.03 -10.36
C PHE A 48 -11.76 0.70 -9.50
N HIS A 49 -11.23 1.43 -8.52
CA HIS A 49 -11.99 2.29 -7.60
C HIS A 49 -11.64 3.75 -7.68
N HIS A 50 -10.67 4.09 -8.48
CA HIS A 50 -10.18 5.47 -8.71
C HIS A 50 -10.24 5.69 -10.19
N ILE A 51 -10.88 6.79 -10.53
CA ILE A 51 -11.18 7.17 -11.94
CA ILE A 51 -11.11 7.15 -11.96
C ILE A 51 -10.64 8.60 -12.13
N ASP A 52 -9.78 8.79 -13.13
CA ASP A 52 -9.14 10.07 -13.37
C ASP A 52 -9.63 10.68 -14.66
N SER A 53 -10.21 11.91 -14.51
CA SER A 53 -10.62 12.68 -15.69
C SER A 53 -10.25 14.16 -15.45
N ALA A 54 -10.89 15.02 -16.28
CA ALA A 54 -10.49 16.43 -16.34
C ALA A 54 -11.51 17.11 -17.23
N HIS A 55 -11.73 18.42 -17.01
CA HIS A 55 -12.66 19.13 -17.90
C HIS A 55 -12.18 19.07 -19.37
N VAL A 56 -10.88 19.23 -19.57
CA VAL A 56 -10.31 19.38 -20.90
C VAL A 56 -10.38 18.08 -21.71
N TYR A 57 -10.67 16.95 -21.05
CA TYR A 57 -10.78 15.69 -21.80
C TYR A 57 -12.09 15.56 -22.56
N ASN A 58 -13.01 16.46 -22.26
CA ASN A 58 -14.31 16.45 -22.95
C ASN A 58 -15.05 15.09 -22.86
N ASN A 59 -14.93 14.51 -21.69
CA ASN A 59 -15.61 13.23 -21.44
C ASN A 59 -16.37 13.14 -20.12
N GLU A 60 -16.46 14.22 -19.35
CA GLU A 60 -17.06 14.09 -17.99
C GLU A 60 -18.53 13.69 -18.03
N GLU A 61 -19.28 14.06 -19.10
CA GLU A 61 -20.65 13.55 -19.18
C GLU A 61 -20.66 12.03 -19.19
N GLN A 62 -19.81 11.48 -20.03
CA GLN A 62 -19.76 10.02 -20.18
C GLN A 62 -19.21 9.32 -18.93
N VAL A 63 -18.12 9.88 -18.39
CA VAL A 63 -17.49 9.28 -17.23
C VAL A 63 -18.45 9.30 -16.02
N GLY A 64 -19.10 10.45 -15.84
CA GLY A 64 -20.06 10.53 -14.74
C GLY A 64 -21.21 9.52 -14.94
N LEU A 65 -21.71 9.42 -16.17
CA LEU A 65 -22.83 8.51 -16.44
C LEU A 65 -22.40 7.07 -16.17
N ALA A 66 -21.16 6.73 -16.55
CA ALA A 66 -20.68 5.35 -16.27
C ALA A 66 -20.67 5.07 -14.77
N ILE A 67 -20.18 6.05 -13.99
CA ILE A 67 -20.15 5.87 -12.52
C ILE A 67 -21.56 5.71 -11.94
N ARG A 68 -22.45 6.57 -12.40
CA ARG A 68 -23.86 6.52 -11.92
C ARG A 68 -24.56 5.20 -12.33
N SER A 69 -24.23 4.73 -13.52
CA SER A 69 -24.79 3.47 -14.02
C SER A 69 -24.37 2.29 -13.11
N LYS A 70 -23.08 2.26 -12.74
CA LYS A 70 -22.50 1.22 -11.91
C LYS A 70 -22.99 1.35 -10.47
N ILE A 71 -23.30 2.56 -10.01
CA ILE A 71 -23.92 2.70 -8.68
C ILE A 71 -25.37 2.22 -8.71
N ALA A 72 -26.08 2.63 -9.75
CA ALA A 72 -27.52 2.29 -9.83
C ALA A 72 -27.69 0.77 -9.97
N ASP A 73 -26.83 0.03 -10.64
CA ASP A 73 -27.04 -1.43 -10.77
C ASP A 73 -26.49 -2.14 -9.53
N GLY A 74 -26.00 -1.47 -8.52
CA GLY A 74 -25.54 -2.17 -7.30
C GLY A 74 -24.17 -2.60 -7.33
N SER A 75 -23.39 -2.35 -8.36
CA SER A 75 -21.99 -2.84 -8.51
C SER A 75 -21.05 -2.17 -7.55
N VAL A 76 -21.28 -0.90 -7.30
CA VAL A 76 -20.39 -0.12 -6.38
C VAL A 76 -21.20 0.95 -5.70
N LYS A 77 -20.72 1.42 -4.55
CA LYS A 77 -21.31 2.55 -3.84
C LYS A 77 -20.46 3.81 -4.10
N ARG A 78 -21.10 4.95 -3.99
CA ARG A 78 -20.37 6.19 -4.29
C ARG A 78 -19.12 6.33 -3.39
N GLU A 79 -19.21 5.87 -2.15
CA GLU A 79 -18.11 5.98 -1.20
C GLU A 79 -16.89 5.18 -1.64
N ASP A 80 -17.12 4.15 -2.45
CA ASP A 80 -16.06 3.30 -2.93
C ASP A 80 -15.61 3.67 -4.36
N ILE A 81 -16.00 4.86 -4.83
CA ILE A 81 -15.43 5.42 -6.06
C ILE A 81 -14.67 6.71 -5.64
N PHE A 82 -13.43 6.82 -6.12
CA PHE A 82 -12.60 7.99 -5.91
C PHE A 82 -12.47 8.62 -7.32
N TYR A 83 -13.19 9.76 -7.54
CA TYR A 83 -13.23 10.43 -8.83
C TYR A 83 -12.45 11.72 -8.77
N THR A 84 -11.55 11.90 -9.72
CA THR A 84 -10.75 13.11 -9.87
C THR A 84 -11.18 13.90 -11.08
N SER A 85 -11.37 15.21 -10.88
CA SER A 85 -11.41 16.14 -12.01
C SER A 85 -10.23 17.12 -11.91
N LYS A 86 -10.14 18.00 -12.94
CA LYS A 86 -9.05 18.96 -12.98
C LYS A 86 -9.62 20.25 -13.54
N LEU A 87 -9.07 21.32 -12.96
CA LEU A 87 -9.32 22.73 -13.39
C LEU A 87 -8.42 23.05 -14.53
N TRP A 88 -9.01 23.37 -15.71
CA TRP A 88 -8.20 23.74 -16.84
C TRP A 88 -7.69 25.16 -16.75
N SER A 89 -6.66 25.44 -17.54
CA SER A 89 -5.88 26.69 -17.46
C SER A 89 -6.64 27.94 -17.95
N ASN A 90 -7.78 27.78 -18.54
CA ASN A 90 -8.62 28.94 -18.86
C ASN A 90 -9.45 29.35 -17.68
N SER A 91 -9.33 28.69 -16.53
CA SER A 91 -10.15 28.97 -15.34
C SER A 91 -9.25 29.15 -14.08
N HIS A 92 -7.96 29.53 -14.28
CA HIS A 92 -7.13 29.75 -13.14
C HIS A 92 -7.51 31.00 -12.33
N ARG A 93 -8.12 32.02 -12.96
CA ARG A 93 -8.48 33.23 -12.17
C ARG A 93 -9.38 32.79 -11.02
N PRO A 94 -9.14 33.32 -9.83
CA PRO A 94 -9.83 32.81 -8.67
C PRO A 94 -11.33 32.85 -8.79
N GLU A 95 -11.89 33.93 -9.41
CA GLU A 95 -13.30 34.07 -9.59
C GLU A 95 -13.91 33.08 -10.58
N LEU A 96 -13.03 32.30 -11.31
CA LEU A 96 -13.48 31.35 -12.34
C LEU A 96 -13.34 29.88 -11.82
N VAL A 97 -12.67 29.69 -10.67
CA VAL A 97 -12.37 28.32 -10.21
C VAL A 97 -13.60 27.58 -9.80
N ARG A 98 -14.43 28.12 -8.88
CA ARG A 98 -15.62 27.41 -8.52
C ARG A 98 -16.58 27.30 -9.68
N PRO A 99 -16.76 28.32 -10.54
CA PRO A 99 -17.64 28.11 -11.70
C PRO A 99 -17.22 26.91 -12.49
N ALA A 100 -15.89 26.73 -12.70
CA ALA A 100 -15.42 25.57 -13.51
C ALA A 100 -15.71 24.28 -12.77
N LEU A 101 -15.51 24.22 -11.49
CA LEU A 101 -15.84 22.97 -10.76
C LEU A 101 -17.31 22.64 -10.81
N GLU A 102 -18.15 23.71 -10.64
CA GLU A 102 -19.61 23.47 -10.74
C GLU A 102 -20.02 23.04 -12.12
N ARG A 103 -19.40 23.54 -13.15
CA ARG A 103 -19.71 23.11 -14.52
C ARG A 103 -19.32 21.62 -14.70
N SER A 104 -18.13 21.24 -14.18
CA SER A 104 -17.76 19.80 -14.25
C SER A 104 -18.78 18.96 -13.50
N LEU A 105 -19.15 19.37 -12.26
CA LEU A 105 -20.12 18.62 -11.50
C LEU A 105 -21.49 18.50 -12.17
N LYS A 106 -21.93 19.54 -12.88
CA LYS A 106 -23.17 19.48 -13.63
C LYS A 106 -22.98 18.50 -14.79
N ASN A 107 -21.88 18.52 -15.51
CA ASN A 107 -21.67 17.50 -16.55
C ASN A 107 -21.68 16.10 -16.02
N LEU A 108 -21.06 15.89 -14.85
CA LEU A 108 -20.97 14.54 -14.22
C LEU A 108 -22.28 14.11 -13.63
N GLN A 109 -23.15 15.09 -13.30
CA GLN A 109 -24.30 14.85 -12.45
C GLN A 109 -23.95 14.16 -11.12
N LEU A 110 -22.81 14.60 -10.52
CA LEU A 110 -22.41 14.16 -9.21
C LEU A 110 -22.43 15.35 -8.28
N ASP A 111 -22.53 15.08 -7.00
CA ASP A 111 -22.58 16.17 -6.01
C ASP A 111 -21.20 16.68 -5.65
N TYR A 112 -20.18 15.80 -5.76
CA TYR A 112 -18.84 16.23 -5.33
C TYR A 112 -17.84 15.37 -6.13
N VAL A 113 -16.65 15.92 -6.31
CA VAL A 113 -15.51 15.13 -6.80
C VAL A 113 -14.70 14.73 -5.57
N ASP A 114 -14.05 13.57 -5.64
CA ASP A 114 -13.14 13.17 -4.52
C ASP A 114 -11.87 14.00 -4.57
N LEU A 115 -11.42 14.49 -5.70
CA LEU A 115 -10.19 15.23 -5.84
C LEU A 115 -10.36 16.21 -6.97
N TYR A 116 -9.88 17.44 -6.72
CA TYR A 116 -9.82 18.47 -7.75
C TYR A 116 -8.41 18.95 -7.85
N LEU A 117 -7.87 18.96 -9.07
CA LEU A 117 -6.49 19.37 -9.26
C LEU A 117 -6.40 20.64 -10.07
N ILE A 118 -5.40 21.47 -9.83
CA ILE A 118 -4.94 22.44 -10.86
C ILE A 118 -4.28 21.62 -11.94
N HIS A 119 -4.77 21.60 -13.16
CA HIS A 119 -4.26 20.66 -14.19
C HIS A 119 -2.87 21.03 -14.64
N PHE A 120 -2.56 22.31 -14.86
CA PHE A 120 -1.30 22.65 -15.44
C PHE A 120 -1.00 24.09 -14.97
N PRO A 121 0.22 24.43 -14.64
CA PRO A 121 0.43 25.71 -13.94
C PRO A 121 0.53 26.95 -14.86
N VAL A 122 0.51 26.78 -16.18
CA VAL A 122 0.55 27.99 -17.05
C VAL A 122 -0.90 28.35 -17.33
N SER A 123 -1.24 29.65 -17.12
CA SER A 123 -2.62 30.12 -17.33
C SER A 123 -2.83 30.61 -18.76
N VAL A 124 -4.02 30.40 -19.30
CA VAL A 124 -4.33 30.92 -20.63
C VAL A 124 -5.62 31.77 -20.47
N LYS A 125 -5.85 32.67 -21.46
CA LYS A 125 -6.94 33.58 -21.27
CA LYS A 125 -7.02 33.54 -21.56
C LYS A 125 -8.29 32.80 -21.22
N PRO A 126 -9.19 33.43 -20.37
CA PRO A 126 -10.50 32.79 -20.21
C PRO A 126 -11.36 32.78 -21.44
N GLY A 127 -12.29 31.87 -21.49
CA GLY A 127 -13.20 31.77 -22.61
C GLY A 127 -13.48 30.35 -22.95
N GLU A 128 -14.31 30.04 -23.97
CA GLU A 128 -14.69 28.67 -24.29
C GLU A 128 -13.62 27.95 -25.03
N GLU A 129 -12.66 28.61 -25.63
CA GLU A 129 -11.52 27.92 -26.25
CA GLU A 129 -11.59 27.81 -26.23
C GLU A 129 -10.59 27.38 -25.16
N VAL A 130 -10.31 26.09 -25.13
CA VAL A 130 -9.39 25.62 -24.08
C VAL A 130 -7.97 25.90 -24.39
N ILE A 131 -7.64 26.03 -25.68
CA ILE A 131 -6.29 26.57 -25.98
C ILE A 131 -6.53 27.75 -26.98
N PRO A 132 -6.71 28.90 -26.39
CA PRO A 132 -6.96 30.10 -27.21
C PRO A 132 -5.64 30.49 -27.85
N LYS A 133 -5.70 30.87 -29.15
CA LYS A 133 -4.46 31.23 -29.87
C LYS A 133 -4.66 32.46 -30.67
N ASP A 134 -3.52 33.10 -31.01
CA ASP A 134 -3.56 34.29 -31.89
C ASP A 134 -3.57 33.84 -33.31
N GLU A 135 -3.48 34.81 -34.20
CA GLU A 135 -3.55 34.54 -35.64
C GLU A 135 -2.35 33.70 -36.10
N ASN A 136 -1.21 33.77 -35.42
CA ASN A 136 -0.05 32.91 -35.76
C ASN A 136 0.01 31.59 -35.05
N GLY A 137 -1.03 31.30 -34.25
CA GLY A 137 -1.12 30.06 -33.53
C GLY A 137 -0.43 30.05 -32.20
N LYS A 138 0.01 31.20 -31.71
CA LYS A 138 0.67 31.26 -30.37
C LYS A 138 -0.39 31.40 -29.25
N ILE A 139 -0.19 30.63 -28.20
CA ILE A 139 -1.18 30.62 -27.15
C ILE A 139 -1.40 32.09 -26.62
N LEU A 140 -2.68 32.46 -26.29
CA LEU A 140 -2.97 33.61 -25.53
C LEU A 140 -2.70 33.40 -24.00
N PHE A 141 -1.60 33.72 -23.48
CA PHE A 141 -1.25 33.53 -22.06
C PHE A 141 -1.92 34.54 -21.16
N ASP A 142 -2.23 34.14 -19.93
CA ASP A 142 -2.90 35.00 -18.98
C ASP A 142 -2.06 35.12 -17.85
N THR A 143 -2.22 36.10 -17.01
CA THR A 143 -1.41 36.36 -15.88
C THR A 143 -2.19 36.17 -14.55
N VAL A 144 -1.88 35.09 -13.86
CA VAL A 144 -2.64 34.74 -12.67
C VAL A 144 -1.71 34.32 -11.58
N ASP A 145 -1.98 34.73 -10.35
CA ASP A 145 -1.23 34.31 -9.19
C ASP A 145 -1.81 32.95 -8.73
N LEU A 146 -1.01 31.87 -8.94
CA LEU A 146 -1.58 30.54 -8.56
C LEU A 146 -1.78 30.40 -7.06
N CYS A 147 -1.20 31.26 -6.21
CA CYS A 147 -1.54 31.20 -4.80
C CYS A 147 -3.04 31.62 -4.60
N ALA A 148 -3.50 32.62 -5.41
CA ALA A 148 -4.89 32.97 -5.38
C ALA A 148 -5.78 31.87 -5.96
N THR A 149 -5.34 31.23 -7.05
CA THR A 149 -6.06 30.05 -7.52
C THR A 149 -6.21 29.02 -6.41
N TRP A 150 -5.14 28.78 -5.66
CA TRP A 150 -5.17 27.78 -4.61
C TRP A 150 -6.10 28.13 -3.50
N GLU A 151 -6.19 29.43 -3.12
CA GLU A 151 -7.16 29.82 -2.10
C GLU A 151 -8.61 29.54 -2.63
N ALA A 152 -8.85 29.74 -3.93
CA ALA A 152 -10.18 29.41 -4.47
C ALA A 152 -10.44 27.89 -4.43
N MET A 153 -9.38 27.07 -4.63
CA MET A 153 -9.47 25.60 -4.50
C MET A 153 -9.84 25.23 -3.07
N GLU A 154 -9.16 25.89 -2.09
CA GLU A 154 -9.45 25.62 -0.69
C GLU A 154 -10.89 25.89 -0.35
N LYS A 155 -11.46 26.96 -0.90
CA LYS A 155 -12.91 27.28 -0.65
C LYS A 155 -13.79 26.21 -1.30
N CYS A 156 -13.39 25.60 -2.44
CA CYS A 156 -14.16 24.50 -2.99
C CYS A 156 -14.16 23.28 -2.08
N LYS A 157 -13.07 23.03 -1.39
CA LYS A 157 -13.02 21.92 -0.43
C LYS A 157 -13.84 22.27 0.80
N ASP A 158 -13.81 23.51 1.28
CA ASP A 158 -14.69 23.91 2.39
C ASP A 158 -16.12 23.85 2.01
N ALA A 159 -16.48 24.07 0.79
CA ALA A 159 -17.91 24.01 0.37
C ALA A 159 -18.36 22.56 0.19
N GLY A 160 -17.46 21.58 0.28
CA GLY A 160 -17.79 20.17 0.09
C GLY A 160 -17.89 19.75 -1.34
N LEU A 161 -17.47 20.58 -2.30
CA LEU A 161 -17.58 20.21 -3.71
C LEU A 161 -16.41 19.30 -4.10
N ALA A 162 -15.30 19.43 -3.40
CA ALA A 162 -14.11 18.58 -3.63
C ALA A 162 -13.73 18.02 -2.34
N LYS A 163 -13.64 16.72 -2.13
CA LYS A 163 -13.21 16.22 -0.84
C LYS A 163 -11.73 16.52 -0.53
N SER A 164 -10.92 16.44 -1.55
CA SER A 164 -9.49 16.73 -1.49
C SER A 164 -9.11 17.63 -2.65
N ILE A 165 -8.01 18.34 -2.45
CA ILE A 165 -7.48 19.21 -3.55
C ILE A 165 -6.01 18.94 -3.70
N GLY A 166 -5.52 19.06 -4.95
CA GLY A 166 -4.12 18.83 -5.29
C GLY A 166 -3.70 19.56 -6.53
N VAL A 167 -2.55 19.19 -7.07
CA VAL A 167 -2.00 19.84 -8.25
C VAL A 167 -1.51 18.80 -9.23
N SER A 168 -1.18 19.25 -10.46
CA SER A 168 -0.68 18.43 -11.49
C SER A 168 0.33 19.23 -12.23
N ASN A 169 1.38 18.55 -12.69
CA ASN A 169 2.47 19.20 -13.49
C ASN A 169 3.10 20.31 -12.74
N PHE A 170 3.21 20.25 -11.43
CA PHE A 170 3.96 21.23 -10.67
C PHE A 170 5.37 20.72 -10.49
N ASN A 171 6.31 21.67 -10.45
CA ASN A 171 7.71 21.35 -10.16
C ASN A 171 8.00 21.75 -8.75
N HIS A 172 9.27 21.56 -8.30
CA HIS A 172 9.65 21.89 -6.94
C HIS A 172 9.29 23.34 -6.52
N ARG A 173 9.65 24.27 -7.39
CA ARG A 173 9.47 25.68 -7.08
C ARG A 173 7.98 25.99 -6.92
N LEU A 174 7.14 25.46 -7.81
CA LEU A 174 5.68 25.73 -7.71
C LEU A 174 5.08 25.03 -6.53
N LEU A 175 5.53 23.83 -6.15
CA LEU A 175 5.05 23.24 -4.92
C LEU A 175 5.47 24.06 -3.71
N GLU A 176 6.72 24.53 -3.66
CA GLU A 176 7.15 25.38 -2.50
C GLU A 176 6.38 26.67 -2.47
N MET A 177 5.98 27.19 -3.60
CA MET A 177 5.20 28.45 -3.64
C MET A 177 3.91 28.21 -2.92
N ILE A 178 3.21 27.10 -3.16
CA ILE A 178 2.01 26.82 -2.47
C ILE A 178 2.25 26.51 -1.00
N LEU A 179 3.22 25.58 -0.72
CA LEU A 179 3.48 25.23 0.67
C LEU A 179 3.89 26.41 1.54
N ASN A 180 4.54 27.39 0.95
CA ASN A 180 5.03 28.53 1.74
C ASN A 180 4.02 29.64 1.67
N LYS A 181 2.82 29.51 1.12
CA LYS A 181 1.93 30.63 0.96
C LYS A 181 1.44 31.06 2.35
N PRO A 182 1.48 32.38 2.63
CA PRO A 182 0.88 32.82 3.90
C PRO A 182 -0.58 32.45 4.00
N GLY A 183 -0.97 32.00 5.18
CA GLY A 183 -2.32 31.63 5.36
C GLY A 183 -2.80 30.29 4.74
N LEU A 184 -1.89 29.51 4.26
CA LEU A 184 -2.23 28.19 3.67
C LEU A 184 -3.20 27.50 4.61
N LYS A 185 -4.29 26.92 4.10
CA LYS A 185 -5.21 26.13 4.89
C LYS A 185 -5.03 24.65 4.59
N TYR A 186 -4.97 24.28 3.33
CA TYR A 186 -4.76 22.89 2.97
C TYR A 186 -3.56 22.74 2.05
N LYS A 187 -2.65 21.83 2.41
CA LYS A 187 -1.62 21.46 1.50
C LYS A 187 -2.22 20.68 0.26
N PRO A 188 -1.54 20.69 -0.88
CA PRO A 188 -2.01 19.74 -1.95
C PRO A 188 -1.83 18.33 -1.44
N VAL A 189 -2.76 17.45 -1.73
CA VAL A 189 -2.62 16.05 -1.32
C VAL A 189 -1.74 15.31 -2.24
N CYS A 190 -1.55 15.77 -3.47
CA CYS A 190 -0.89 15.05 -4.52
C CYS A 190 -0.31 16.04 -5.50
N ASN A 191 0.62 15.51 -6.29
CA ASN A 191 1.17 16.14 -7.54
C ASN A 191 1.10 15.06 -8.61
N GLN A 192 0.21 15.22 -9.55
CA GLN A 192 0.05 14.25 -10.67
C GLN A 192 0.99 14.66 -11.79
N VAL A 193 1.98 13.83 -12.10
CA VAL A 193 3.01 14.18 -13.09
C VAL A 193 3.30 12.95 -13.94
N GLU A 194 3.93 13.16 -15.11
CA GLU A 194 4.41 12.05 -15.94
C GLU A 194 5.43 11.28 -15.10
N CYS A 195 5.30 9.94 -15.10
CA CYS A 195 6.30 9.16 -14.43
C CYS A 195 6.23 7.73 -14.91
N HIS A 196 7.43 7.20 -15.28
CA HIS A 196 7.58 5.87 -15.88
C HIS A 196 9.08 5.58 -15.78
N PRO A 197 9.47 4.33 -16.14
CA PRO A 197 10.94 4.01 -15.99
C PRO A 197 11.88 4.78 -16.85
N TYR A 198 11.43 5.51 -17.88
CA TYR A 198 12.36 6.37 -18.64
C TYR A 198 12.45 7.76 -18.10
N PHE A 199 11.60 8.14 -17.12
CA PHE A 199 11.54 9.45 -16.50
C PHE A 199 10.97 9.25 -15.07
N ASN A 200 11.82 8.70 -14.21
CA ASN A 200 11.28 8.13 -12.99
C ASN A 200 11.02 9.13 -11.88
N GLN A 201 11.39 10.40 -12.10
CA GLN A 201 11.03 11.48 -11.21
C GLN A 201 11.58 11.33 -9.81
N ARG A 202 12.67 10.57 -9.76
CA ARG A 202 13.27 10.45 -8.39
CA ARG A 202 13.37 10.52 -8.46
C ARG A 202 13.32 11.64 -7.35
N LYS A 203 13.93 12.66 -7.97
CA LYS A 203 14.14 13.86 -7.16
C LYS A 203 12.80 14.52 -6.72
N LEU A 204 11.89 14.69 -7.65
CA LEU A 204 10.55 15.28 -7.35
C LEU A 204 9.76 14.35 -6.42
N LEU A 205 9.90 13.04 -6.62
CA LEU A 205 9.22 12.05 -5.74
C LEU A 205 9.72 12.17 -4.29
N ASP A 206 11.08 12.22 -4.13
CA ASP A 206 11.61 12.40 -2.82
C ASP A 206 11.15 13.68 -2.13
N PHE A 207 11.11 14.77 -2.93
CA PHE A 207 10.62 16.02 -2.33
C PHE A 207 9.16 15.86 -1.89
N CYS A 208 8.33 15.27 -2.77
CA CYS A 208 6.92 15.05 -2.37
C CYS A 208 6.84 14.18 -1.17
N LYS A 209 7.60 13.12 -1.08
CA LYS A 209 7.50 12.29 0.14
CA LYS A 209 7.67 12.21 0.12
C LYS A 209 7.93 13.03 1.37
N SER A 210 8.89 13.92 1.26
CA SER A 210 9.32 14.71 2.43
C SER A 210 8.25 15.64 2.94
N LYS A 211 7.23 15.91 2.10
CA LYS A 211 6.10 16.80 2.46
C LYS A 211 4.83 15.99 2.64
N ASP A 212 4.87 14.67 2.57
CA ASP A 212 3.65 13.83 2.60
C ASP A 212 2.69 14.27 1.48
N ILE A 213 3.24 14.56 0.30
CA ILE A 213 2.49 14.73 -0.95
C ILE A 213 2.58 13.48 -1.72
N VAL A 214 1.48 12.90 -2.14
CA VAL A 214 1.57 11.71 -2.97
C VAL A 214 1.83 12.06 -4.41
N LEU A 215 2.78 11.41 -5.03
CA LEU A 215 3.01 11.58 -6.47
C LEU A 215 2.08 10.57 -7.17
N VAL A 216 1.32 11.11 -8.12
CA VAL A 216 0.47 10.27 -8.95
C VAL A 216 1.03 10.26 -10.38
N ALA A 217 1.27 9.07 -10.89
CA ALA A 217 1.99 8.94 -12.19
C ALA A 217 0.99 8.82 -13.32
N TYR A 218 1.13 9.74 -14.24
CA TYR A 218 0.48 9.58 -15.55
C TYR A 218 1.49 9.17 -16.64
N SER A 219 0.96 8.70 -17.75
CA SER A 219 1.82 8.17 -18.85
C SER A 219 2.76 7.06 -18.29
N ALA A 220 2.23 6.31 -17.35
CA ALA A 220 3.01 5.26 -16.64
C ALA A 220 3.32 4.09 -17.58
N LEU A 221 2.53 4.02 -18.64
CA LEU A 221 2.72 3.00 -19.73
C LEU A 221 3.45 3.52 -20.96
N GLY A 222 3.90 4.75 -20.87
CA GLY A 222 4.63 5.36 -21.99
C GLY A 222 3.76 6.33 -22.77
N SER A 223 2.56 6.67 -22.32
CA SER A 223 1.71 7.68 -22.91
C SER A 223 0.86 7.21 -24.01
N HIS A 224 -0.16 8.01 -24.31
CA HIS A 224 -0.97 7.84 -25.53
C HIS A 224 -0.19 8.02 -26.83
N ARG A 225 1.01 8.65 -26.81
CA ARG A 225 1.79 8.88 -28.05
C ARG A 225 0.98 9.75 -29.04
N GLU A 226 0.05 10.59 -28.64
CA GLU A 226 -0.73 11.32 -29.63
C GLU A 226 0.15 12.44 -30.15
N GLU A 227 0.17 12.56 -31.50
CA GLU A 227 0.78 13.74 -32.20
C GLU A 227 -0.18 14.87 -32.17
N PRO A 228 0.30 16.09 -32.01
CA PRO A 228 1.69 16.47 -31.95
C PRO A 228 2.16 16.68 -30.52
N TRP A 229 1.47 16.10 -29.58
CA TRP A 229 1.87 16.22 -28.15
C TRP A 229 3.09 15.40 -27.80
N VAL A 230 3.27 14.25 -28.46
CA VAL A 230 4.38 13.33 -28.14
C VAL A 230 5.20 13.16 -29.43
N ASP A 231 6.49 13.30 -29.32
CA ASP A 231 7.40 13.16 -30.46
C ASP A 231 7.32 11.71 -30.93
N PRO A 232 6.98 11.43 -32.21
CA PRO A 232 6.90 10.06 -32.66
C PRO A 232 8.24 9.31 -32.68
N ASN A 233 9.33 10.02 -32.59
CA ASN A 233 10.66 9.40 -32.55
C ASN A 233 11.04 8.91 -31.17
N SER A 234 10.18 9.29 -30.19
CA SER A 234 10.56 8.88 -28.82
C SER A 234 10.49 7.38 -28.71
N PRO A 235 11.32 6.80 -27.82
CA PRO A 235 11.31 5.32 -27.70
C PRO A 235 9.98 4.79 -27.16
N VAL A 236 9.53 3.64 -27.53
CA VAL A 236 8.32 3.10 -27.01
C VAL A 236 8.64 2.39 -25.71
N LEU A 237 8.13 2.89 -24.57
CA LEU A 237 8.51 2.36 -23.27
C LEU A 237 8.38 0.86 -23.22
N LEU A 238 7.22 0.32 -23.63
CA LEU A 238 6.90 -1.06 -23.25
C LEU A 238 7.68 -2.04 -24.14
N GLU A 239 8.51 -1.55 -25.07
CA GLU A 239 9.45 -2.41 -25.88
C GLU A 239 10.69 -2.63 -25.17
N ASP A 240 10.92 -2.00 -23.97
CA ASP A 240 12.21 -2.06 -23.33
C ASP A 240 12.59 -3.47 -22.97
N PRO A 241 13.85 -3.90 -23.25
CA PRO A 241 14.21 -5.31 -22.93
C PRO A 241 14.21 -5.65 -21.46
N VAL A 242 14.49 -4.73 -20.58
CA VAL A 242 14.44 -5.00 -19.17
C VAL A 242 13.00 -5.24 -18.70
N LEU A 243 12.06 -4.35 -19.14
CA LEU A 243 10.68 -4.59 -18.82
C LEU A 243 10.22 -5.94 -19.38
N CYS A 244 10.63 -6.24 -20.64
CA CYS A 244 10.18 -7.49 -21.24
C CYS A 244 10.78 -8.66 -20.52
N ALA A 245 12.04 -8.60 -20.05
CA ALA A 245 12.63 -9.70 -19.31
C ALA A 245 11.92 -9.97 -18.00
N LEU A 246 11.65 -8.88 -17.31
CA LEU A 246 10.90 -8.97 -16.05
C LEU A 246 9.48 -9.51 -16.23
N ALA A 247 8.81 -9.12 -17.32
CA ALA A 247 7.50 -9.62 -17.65
C ALA A 247 7.58 -11.13 -17.88
N LYS A 248 8.58 -11.58 -18.67
CA LYS A 248 8.70 -13.02 -18.92
C LYS A 248 9.01 -13.76 -17.61
N LYS A 249 9.83 -13.29 -16.72
CA LYS A 249 10.18 -13.96 -15.49
C LYS A 249 8.91 -14.13 -14.62
N HIS A 250 8.06 -13.08 -14.53
CA HIS A 250 6.86 -13.10 -13.73
C HIS A 250 5.65 -13.67 -14.42
N LYS A 251 5.74 -14.00 -15.66
CA LYS A 251 4.56 -14.47 -16.48
C LYS A 251 3.52 -13.36 -16.42
N ARG A 252 3.95 -12.12 -16.60
CA ARG A 252 3.02 -10.94 -16.67
C ARG A 252 3.36 -10.28 -18.00
N THR A 253 3.25 -8.94 -18.09
CA THR A 253 3.42 -8.18 -19.36
C THR A 253 4.24 -6.99 -19.03
N PRO A 254 4.88 -6.37 -20.01
CA PRO A 254 5.67 -5.15 -19.70
C PRO A 254 4.83 -4.08 -19.02
N ALA A 255 3.57 -3.89 -19.46
CA ALA A 255 2.73 -2.88 -18.83
C ALA A 255 2.62 -3.16 -17.32
N LEU A 256 2.34 -4.41 -17.00
CA LEU A 256 2.21 -4.74 -15.56
C LEU A 256 3.43 -4.48 -14.81
N ILE A 257 4.59 -4.72 -15.37
CA ILE A 257 5.87 -4.42 -14.66
C ILE A 257 5.99 -2.92 -14.44
N ALA A 258 5.66 -2.13 -15.44
CA ALA A 258 5.72 -0.67 -15.28
C ALA A 258 4.75 -0.15 -14.23
N LEU A 259 3.56 -0.76 -14.12
CA LEU A 259 2.63 -0.31 -13.05
C LEU A 259 3.13 -0.73 -11.73
N ARG A 260 3.59 -1.96 -11.60
CA ARG A 260 3.99 -2.49 -10.26
C ARG A 260 5.21 -1.70 -9.73
N TYR A 261 6.12 -1.33 -10.65
CA TYR A 261 7.23 -0.48 -10.27
C TYR A 261 6.80 0.71 -9.44
N GLN A 262 5.79 1.41 -9.95
CA GLN A 262 5.30 2.61 -9.30
C GLN A 262 4.70 2.29 -7.94
N LEU A 263 3.90 1.22 -7.86
CA LEU A 263 3.30 0.91 -6.55
C LEU A 263 4.39 0.66 -5.52
N GLN A 264 5.47 -0.04 -5.86
CA GLN A 264 6.48 -0.35 -4.86
C GLN A 264 7.32 0.78 -4.46
N ARG A 265 7.41 1.86 -5.22
CA ARG A 265 8.15 3.04 -4.81
C ARG A 265 7.23 4.09 -4.17
N GLY A 266 6.01 3.72 -3.83
CA GLY A 266 5.13 4.63 -3.09
C GLY A 266 4.34 5.55 -3.99
N VAL A 267 4.32 5.36 -5.28
CA VAL A 267 3.57 6.23 -6.21
C VAL A 267 2.17 5.62 -6.46
N VAL A 268 1.18 6.47 -6.57
CA VAL A 268 -0.16 6.05 -7.05
C VAL A 268 -0.12 6.06 -8.58
N VAL A 269 -0.53 5.01 -9.20
CA VAL A 269 -0.30 4.86 -10.64
C VAL A 269 -1.62 4.88 -11.41
N LEU A 270 -1.68 5.67 -12.48
CA LEU A 270 -2.80 5.63 -13.42
C LEU A 270 -2.50 4.69 -14.58
N ALA A 271 -3.55 4.15 -15.22
CA ALA A 271 -3.40 3.36 -16.41
C ALA A 271 -4.62 3.56 -17.26
N LYS A 272 -4.46 4.10 -18.47
CA LYS A 272 -5.61 4.19 -19.40
C LYS A 272 -5.65 2.97 -20.27
N SER A 273 -6.81 2.34 -20.37
CA SER A 273 -7.07 1.44 -21.50
C SER A 273 -8.54 1.52 -21.79
N TYR A 274 -8.87 1.50 -23.08
CA TYR A 274 -10.27 1.33 -23.54
C TYR A 274 -10.49 -0.10 -24.08
N ASN A 275 -9.58 -1.03 -23.82
CA ASN A 275 -9.73 -2.35 -24.37
C ASN A 275 -10.15 -3.26 -23.24
N GLU A 276 -11.19 -4.05 -23.40
CA GLU A 276 -11.66 -4.86 -22.35
C GLU A 276 -10.65 -5.80 -21.73
N GLN A 277 -9.84 -6.48 -22.56
CA GLN A 277 -8.85 -7.39 -22.02
C GLN A 277 -7.76 -6.62 -21.22
N ARG A 278 -7.30 -5.54 -21.75
CA ARG A 278 -6.16 -4.81 -21.10
C ARG A 278 -6.67 -4.11 -19.83
N ILE A 279 -7.91 -3.66 -19.78
CA ILE A 279 -8.47 -3.15 -18.51
C ILE A 279 -8.39 -4.18 -17.46
N ARG A 280 -8.83 -5.43 -17.74
CA ARG A 280 -8.78 -6.46 -16.75
C ARG A 280 -7.36 -6.83 -16.47
N GLN A 281 -6.46 -6.86 -17.46
CA GLN A 281 -5.03 -7.20 -17.24
C GLN A 281 -4.43 -6.22 -16.23
N ASN A 282 -4.74 -4.91 -16.33
CA ASN A 282 -4.03 -3.92 -15.53
C ASN A 282 -4.31 -4.08 -14.08
N VAL A 283 -5.49 -4.58 -13.66
CA VAL A 283 -5.71 -4.84 -12.22
CA VAL A 283 -5.77 -4.82 -12.29
C VAL A 283 -4.92 -5.97 -11.72
N GLN A 284 -4.28 -6.76 -12.57
CA GLN A 284 -3.35 -7.78 -12.04
C GLN A 284 -2.13 -7.23 -11.39
N VAL A 285 -1.95 -5.89 -11.36
CA VAL A 285 -0.81 -5.33 -10.63
C VAL A 285 -0.76 -5.71 -9.17
N PHE A 286 -1.92 -6.12 -8.61
CA PHE A 286 -1.98 -6.51 -7.20
C PHE A 286 -1.70 -8.00 -7.03
N GLU A 287 -1.32 -8.72 -8.05
CA GLU A 287 -1.22 -10.18 -7.92
CA GLU A 287 -1.21 -10.16 -8.03
C GLU A 287 0.22 -10.64 -7.87
N PHE A 288 1.20 -9.74 -7.97
CA PHE A 288 2.65 -10.17 -7.91
C PHE A 288 3.41 -9.04 -7.30
N GLN A 289 4.72 -9.31 -7.04
CA GLN A 289 5.59 -8.33 -6.43
C GLN A 289 6.97 -8.39 -7.13
N LEU A 290 7.66 -7.28 -7.20
CA LEU A 290 9.03 -7.21 -7.78
C LEU A 290 10.00 -7.28 -6.69
N THR A 291 11.08 -8.04 -6.89
CA THR A 291 12.14 -8.10 -5.93
C THR A 291 13.02 -6.83 -5.94
N SER A 292 13.82 -6.62 -4.91
CA SER A 292 14.70 -5.48 -4.90
C SER A 292 15.56 -5.41 -6.14
N GLU A 293 16.11 -6.55 -6.59
CA GLU A 293 16.93 -6.61 -7.76
C GLU A 293 16.17 -6.16 -8.99
N GLU A 294 14.92 -6.57 -9.13
CA GLU A 294 14.13 -6.14 -10.24
C GLU A 294 13.82 -4.65 -10.16
N MET A 295 13.54 -4.13 -8.97
CA MET A 295 13.35 -2.69 -8.84
C MET A 295 14.58 -1.93 -9.23
N LYS A 296 15.77 -2.39 -8.79
CA LYS A 296 17.00 -1.73 -9.21
C LYS A 296 17.19 -1.77 -10.72
N ALA A 297 16.87 -2.90 -11.37
CA ALA A 297 17.00 -2.95 -12.83
C ALA A 297 16.12 -1.87 -13.49
N ILE A 298 14.89 -1.70 -12.97
CA ILE A 298 14.02 -0.70 -13.58
C ILE A 298 14.49 0.69 -13.25
N ASP A 299 14.97 0.91 -12.05
CA ASP A 299 15.59 2.23 -11.73
C ASP A 299 16.70 2.57 -12.73
N GLY A 300 17.44 1.53 -13.18
CA GLY A 300 18.53 1.78 -14.10
C GLY A 300 18.09 2.20 -15.44
N LEU A 301 16.84 2.11 -15.83
CA LEU A 301 16.36 2.52 -17.15
C LEU A 301 16.22 4.02 -17.25
N ASN A 302 16.26 4.77 -16.14
CA ASN A 302 15.96 6.21 -16.24
C ASN A 302 16.83 6.90 -17.27
N ARG A 303 16.22 7.72 -18.10
CA ARG A 303 17.03 8.16 -19.29
C ARG A 303 16.53 9.46 -19.74
N ASN A 304 15.86 10.27 -18.86
CA ASN A 304 15.50 11.63 -19.34
C ASN A 304 14.57 11.71 -20.50
N VAL A 305 13.65 10.78 -20.75
CA VAL A 305 12.72 10.85 -21.81
C VAL A 305 11.39 11.33 -21.19
N ARG A 306 11.07 12.57 -21.52
CA ARG A 306 9.73 13.16 -21.12
C ARG A 306 8.90 13.07 -22.38
N TYR A 307 7.83 12.31 -22.39
CA TYR A 307 6.91 12.23 -23.56
C TYR A 307 6.11 13.48 -23.69
N LEU A 308 5.61 14.05 -22.60
CA LEU A 308 4.61 15.13 -22.70
CA LEU A 308 4.61 15.14 -22.69
C LEU A 308 5.29 16.40 -22.25
N THR A 309 5.94 17.08 -23.21
CA THR A 309 6.63 18.33 -22.88
C THR A 309 5.69 19.53 -22.69
N LEU A 310 4.58 19.50 -23.39
CA LEU A 310 3.64 20.62 -23.38
C LEU A 310 4.36 21.94 -23.72
N ASP A 311 5.28 21.89 -24.65
CA ASP A 311 6.13 23.04 -24.93
C ASP A 311 5.45 24.20 -25.63
N ILE A 312 4.22 23.98 -26.09
CA ILE A 312 3.42 25.09 -26.63
C ILE A 312 3.16 26.09 -25.50
N PHE A 313 3.25 25.64 -24.25
CA PHE A 313 3.01 26.46 -23.07
C PHE A 313 4.27 27.09 -22.51
N ALA A 314 5.40 26.89 -23.17
CA ALA A 314 6.66 27.43 -22.63
C ALA A 314 6.73 28.99 -22.74
N GLY A 315 7.48 29.53 -21.85
CA GLY A 315 7.78 31.00 -21.89
C GLY A 315 7.54 31.62 -20.54
N PRO A 316 6.29 31.54 -20.01
CA PRO A 316 6.01 32.05 -18.67
C PRO A 316 6.82 31.34 -17.65
N PRO A 317 7.17 31.95 -16.56
CA PRO A 317 7.97 31.25 -15.52
C PRO A 317 7.24 30.08 -14.93
N ASN A 318 5.91 30.02 -14.95
CA ASN A 318 5.26 28.85 -14.39
C ASN A 318 5.39 27.70 -15.32
N TYR A 319 5.88 27.75 -16.53
CA TYR A 319 6.08 26.54 -17.30
C TYR A 319 7.02 25.62 -16.55
N PRO A 320 6.55 24.36 -16.28
CA PRO A 320 7.17 23.65 -15.14
C PRO A 320 8.39 22.82 -15.49
N PHE A 321 8.66 22.57 -16.76
CA PHE A 321 9.58 21.46 -17.15
C PHE A 321 10.98 22.00 -17.50
N SER A 322 11.28 23.27 -17.37
CA SER A 322 12.64 23.76 -17.67
C SER A 322 13.49 23.55 -16.46
N ASP A 323 13.04 23.67 -15.22
CA ASP A 323 13.85 23.46 -14.04
C ASP A 323 14.30 22.02 -13.98
N GLU A 324 15.37 21.70 -13.26
CA GLU A 324 15.88 20.37 -13.09
C GLU A 324 14.74 19.45 -12.57
N TYR A 325 13.93 19.95 -11.64
CA TYR A 325 12.83 19.17 -11.08
C TYR A 325 11.92 20.05 -10.24
N SER B 1 -11.68 11.27 13.29
CA SER B 1 -11.04 11.00 12.02
C SER B 1 -11.84 11.48 10.82
N VAL B 2 -11.12 11.92 9.81
CA VAL B 2 -11.74 12.31 8.56
C VAL B 2 -12.47 11.13 7.88
N ASP B 3 -11.79 10.00 7.77
CA ASP B 3 -12.44 8.81 7.19
C ASP B 3 -11.87 7.52 7.80
N ASP B 4 -12.42 7.08 8.91
CA ASP B 4 -11.92 5.88 9.51
C ASP B 4 -12.52 4.61 8.87
N SER B 5 -13.31 4.72 7.77
CA SER B 5 -13.90 3.53 7.13
C SER B 5 -12.90 2.88 6.16
N LYS B 6 -11.78 3.56 5.87
CA LYS B 6 -10.77 3.01 4.98
C LYS B 6 -9.48 2.96 5.70
N TYR B 7 -8.60 2.09 5.28
CA TYR B 7 -7.25 1.91 5.94
C TYR B 7 -6.41 1.12 4.95
N GLN B 8 -5.09 1.24 5.10
CA GLN B 8 -4.17 0.68 4.15
C GLN B 8 -4.05 -0.86 4.37
N CYS B 9 -4.22 -1.57 3.27
CA CYS B 9 -4.12 -3.04 3.28
CA CYS B 9 -4.16 -3.08 3.19
C CYS B 9 -3.36 -3.52 2.03
N VAL B 10 -2.95 -4.77 2.03
CA VAL B 10 -2.29 -5.37 0.83
C VAL B 10 -3.05 -6.60 0.45
N LYS B 11 -3.17 -6.85 -0.86
CA LYS B 11 -3.90 -8.05 -1.35
C LYS B 11 -2.98 -9.24 -1.22
N LEU B 12 -3.48 -10.28 -0.56
CA LEU B 12 -2.77 -11.53 -0.42
C LEU B 12 -2.96 -12.42 -1.64
N ASN B 13 -2.13 -13.45 -1.75
CA ASN B 13 -2.19 -14.35 -2.95
C ASN B 13 -3.44 -15.24 -2.94
N ASP B 14 -4.29 -15.20 -1.97
CA ASP B 14 -5.58 -15.89 -2.02
C ASP B 14 -6.73 -14.97 -2.25
N GLY B 15 -6.47 -13.69 -2.52
CA GLY B 15 -7.49 -12.68 -2.74
C GLY B 15 -8.02 -11.99 -1.52
N HIS B 16 -7.65 -12.41 -0.30
CA HIS B 16 -8.03 -11.67 0.88
C HIS B 16 -7.10 -10.45 1.10
N PHE B 17 -7.45 -9.51 1.91
CA PHE B 17 -6.69 -8.31 2.16
C PHE B 17 -6.25 -8.22 3.59
N MET B 18 -4.98 -7.89 3.77
CA MET B 18 -4.39 -7.79 5.09
C MET B 18 -4.03 -6.34 5.41
N PRO B 19 -4.48 -5.79 6.55
CA PRO B 19 -4.02 -4.44 6.92
C PRO B 19 -2.54 -4.44 7.18
N VAL B 20 -1.87 -3.36 6.72
CA VAL B 20 -0.38 -3.35 6.71
C VAL B 20 0.26 -3.04 8.02
N LEU B 21 -0.49 -2.55 9.00
CA LEU B 21 0.01 -2.34 10.37
C LEU B 21 -0.72 -3.27 11.28
N GLY B 22 -0.03 -4.14 11.99
CA GLY B 22 -0.69 -5.10 12.91
C GLY B 22 -0.29 -4.85 14.32
N PHE B 23 -1.21 -5.21 15.21
CA PHE B 23 -0.97 -5.06 16.67
C PHE B 23 -0.47 -6.34 17.24
N GLY B 24 0.72 -6.30 17.84
CA GLY B 24 1.29 -7.45 18.52
C GLY B 24 0.73 -7.58 19.94
N THR B 25 0.48 -8.81 20.34
CA THR B 25 -0.26 -9.04 21.65
C THR B 25 0.63 -9.83 22.62
N TYR B 26 1.78 -10.35 22.26
CA TYR B 26 2.58 -11.09 23.26
C TYR B 26 3.10 -10.15 24.33
N ALA B 27 3.04 -10.63 25.57
CA ALA B 27 3.68 -9.83 26.65
C ALA B 27 4.43 -10.85 27.52
N PRO B 28 5.56 -10.39 28.15
CA PRO B 28 6.46 -11.29 28.87
C PRO B 28 5.70 -11.82 30.06
N ALA B 29 6.32 -12.85 30.66
CA ALA B 29 5.59 -13.66 31.67
C ALA B 29 5.26 -12.85 32.96
N GLU B 30 6.09 -11.87 33.37
CA GLU B 30 5.79 -11.02 34.55
C GLU B 30 4.50 -10.16 34.36
N VAL B 31 3.93 -10.05 33.12
CA VAL B 31 2.70 -9.23 32.92
C VAL B 31 1.50 -10.07 32.94
N PRO B 32 0.47 -9.66 33.71
CA PRO B 32 -0.74 -10.48 33.79
C PRO B 32 -1.32 -10.63 32.39
N LYS B 33 -1.74 -11.83 32.03
CA LYS B 33 -2.45 -12.07 30.71
C LYS B 33 -3.66 -11.19 30.62
N SER B 34 -4.27 -10.78 31.71
CA SER B 34 -5.38 -9.83 31.69
C SER B 34 -5.10 -8.56 30.99
N LYS B 35 -3.87 -8.04 31.11
CA LYS B 35 -3.56 -6.72 30.47
C LYS B 35 -3.75 -6.64 28.92
N ALA B 36 -3.78 -7.79 28.30
CA ALA B 36 -4.08 -7.87 26.91
C ALA B 36 -5.38 -7.37 26.57
N LEU B 37 -6.42 -7.55 27.43
CA LEU B 37 -7.78 -7.07 27.13
C LEU B 37 -7.81 -5.61 26.85
N GLU B 38 -7.33 -4.77 27.77
CA GLU B 38 -7.38 -3.36 27.56
C GLU B 38 -6.51 -2.94 26.37
N ALA B 39 -5.32 -3.56 26.27
CA ALA B 39 -4.45 -3.14 25.18
C ALA B 39 -5.08 -3.33 23.81
N VAL B 40 -5.68 -4.48 23.62
CA VAL B 40 -6.32 -4.71 22.33
C VAL B 40 -7.48 -3.78 22.04
N LYS B 41 -8.29 -3.44 23.13
CA LYS B 41 -9.34 -2.48 22.92
C LYS B 41 -8.77 -1.13 22.53
N LEU B 42 -7.69 -0.70 23.22
CA LEU B 42 -7.10 0.57 22.87
C LEU B 42 -6.46 0.57 21.44
N ALA B 43 -5.91 -0.59 21.02
CA ALA B 43 -5.38 -0.67 19.65
C ALA B 43 -6.46 -0.47 18.64
N ILE B 44 -7.59 -1.14 18.86
CA ILE B 44 -8.69 -1.02 17.91
C ILE B 44 -9.22 0.43 17.87
N GLU B 45 -9.35 1.04 19.05
CA GLU B 45 -9.83 2.44 19.12
C GLU B 45 -8.83 3.33 18.41
N ALA B 46 -7.54 3.06 18.47
CA ALA B 46 -6.53 3.90 17.82
C ALA B 46 -6.51 3.73 16.29
N GLY B 47 -7.10 2.70 15.76
CA GLY B 47 -7.06 2.49 14.31
C GLY B 47 -6.30 1.25 13.86
N PHE B 48 -5.82 0.41 14.75
CA PHE B 48 -5.36 -0.92 14.27
C PHE B 48 -6.51 -1.76 13.83
N HIS B 49 -6.34 -2.39 12.66
CA HIS B 49 -7.30 -3.29 12.10
C HIS B 49 -6.81 -4.69 11.98
N HIS B 50 -5.59 -5.02 12.37
CA HIS B 50 -4.93 -6.34 12.25
C HIS B 50 -4.39 -6.57 13.67
N ILE B 51 -4.75 -7.75 14.21
CA ILE B 51 -4.33 -8.10 15.60
CA ILE B 51 -4.41 -8.15 15.62
C ILE B 51 -3.70 -9.48 15.52
N ASP B 52 -2.50 -9.64 16.10
CA ASP B 52 -1.71 -10.86 15.98
C ASP B 52 -1.60 -11.56 17.34
N SER B 53 -2.04 -12.81 17.41
CA SER B 53 -1.81 -13.61 18.60
C SER B 53 -1.44 -15.02 18.18
N ALA B 54 -1.62 -15.96 19.16
CA ALA B 54 -1.09 -17.34 18.97
C ALA B 54 -1.64 -18.13 20.19
N HIS B 55 -1.83 -19.44 19.95
CA HIS B 55 -2.22 -20.30 21.09
C HIS B 55 -1.21 -20.14 22.26
N VAL B 56 0.06 -20.12 21.98
CA VAL B 56 1.07 -20.24 23.09
C VAL B 56 1.22 -18.94 23.79
N TYR B 57 0.60 -17.81 23.34
CA TYR B 57 0.72 -16.59 24.07
C TYR B 57 -0.19 -16.52 25.37
N ASN B 58 -1.07 -17.56 25.45
CA ASN B 58 -2.00 -17.64 26.61
C ASN B 58 -2.82 -16.43 26.80
N ASN B 59 -3.30 -15.82 25.70
CA ASN B 59 -4.08 -14.61 25.81
C ASN B 59 -5.33 -14.61 24.91
N GLU B 60 -5.59 -15.72 24.22
CA GLU B 60 -6.65 -15.67 23.19
C GLU B 60 -8.01 -15.43 23.87
N GLU B 61 -8.28 -15.89 25.12
CA GLU B 61 -9.54 -15.47 25.77
C GLU B 61 -9.65 -14.00 25.90
N GLN B 62 -8.60 -13.35 26.30
CA GLN B 62 -8.66 -11.91 26.45
C GLN B 62 -8.73 -11.14 25.11
N VAL B 63 -7.89 -11.58 24.17
CA VAL B 63 -7.88 -10.96 22.82
C VAL B 63 -9.22 -11.08 22.18
N GLY B 64 -9.84 -12.27 22.28
CA GLY B 64 -11.16 -12.48 21.69
C GLY B 64 -12.21 -11.63 22.39
N LEU B 65 -12.14 -11.47 23.74
CA LEU B 65 -13.10 -10.61 24.45
C LEU B 65 -12.95 -9.20 24.03
N ALA B 66 -11.70 -8.74 23.81
CA ALA B 66 -11.50 -7.37 23.40
C ALA B 66 -12.13 -7.12 22.01
N ILE B 67 -11.88 -7.99 21.06
CA ILE B 67 -12.41 -7.90 19.69
C ILE B 67 -13.96 -7.91 19.77
N ARG B 68 -14.51 -8.90 20.52
CA ARG B 68 -16.00 -8.95 20.61
C ARG B 68 -16.56 -7.73 21.32
N SER B 69 -15.87 -7.17 22.28
CA SER B 69 -16.34 -5.97 22.92
CA SER B 69 -16.37 -5.99 22.94
C SER B 69 -16.42 -4.78 22.02
N LYS B 70 -15.39 -4.61 21.17
CA LYS B 70 -15.36 -3.46 20.27
C LYS B 70 -16.29 -3.65 19.05
N ILE B 71 -16.71 -4.86 18.74
CA ILE B 71 -17.82 -5.07 17.79
C ILE B 71 -19.16 -4.69 18.49
N ALA B 72 -19.34 -5.19 19.72
CA ALA B 72 -20.61 -5.03 20.41
C ALA B 72 -20.86 -3.57 20.80
N ASP B 73 -19.81 -2.77 20.94
CA ASP B 73 -19.98 -1.37 21.27
C ASP B 73 -20.03 -0.50 20.00
N GLY B 74 -19.99 -1.11 18.82
CA GLY B 74 -20.10 -0.44 17.53
C GLY B 74 -18.86 0.25 16.98
N SER B 75 -17.73 0.02 17.62
CA SER B 75 -16.47 0.58 17.16
C SER B 75 -16.02 0.03 15.81
N VAL B 76 -16.19 -1.27 15.58
CA VAL B 76 -15.70 -1.91 14.37
C VAL B 76 -16.58 -3.06 14.07
N LYS B 77 -16.62 -3.53 12.83
CA LYS B 77 -17.30 -4.73 12.46
C LYS B 77 -16.29 -5.86 12.31
N ARG B 78 -16.74 -7.07 12.36
CA ARG B 78 -15.87 -8.22 12.27
C ARG B 78 -15.06 -8.13 10.94
N GLU B 79 -15.66 -7.70 9.85
CA GLU B 79 -14.94 -7.68 8.57
C GLU B 79 -13.82 -6.63 8.56
N ASP B 80 -13.82 -5.72 9.55
CA ASP B 80 -12.76 -4.72 9.65
C ASP B 80 -11.75 -5.05 10.72
N ILE B 81 -11.75 -6.30 11.15
CA ILE B 81 -10.71 -6.85 11.99
C ILE B 81 -10.13 -8.00 11.28
N PHE B 82 -8.75 -8.00 11.23
CA PHE B 82 -8.00 -9.09 10.66
C PHE B 82 -7.25 -9.78 11.79
N TYR B 83 -7.71 -10.95 12.24
CA TYR B 83 -7.15 -11.58 13.40
C TYR B 83 -6.35 -12.79 13.00
N THR B 84 -5.11 -12.89 13.51
CA THR B 84 -4.20 -14.02 13.24
C THR B 84 -4.03 -14.84 14.53
N SER B 85 -4.16 -16.17 14.32
CA SER B 85 -3.61 -17.08 15.37
C SER B 85 -2.60 -17.93 14.74
N LYS B 86 -2.00 -18.80 15.58
CA LYS B 86 -0.86 -19.67 15.17
C LYS B 86 -0.99 -21.04 15.80
N LEU B 87 -0.69 -22.02 15.06
CA LEU B 87 -0.63 -23.46 15.43
C LEU B 87 0.68 -23.74 16.14
N TRP B 88 0.61 -24.16 17.41
CA TRP B 88 1.82 -24.50 18.17
C TRP B 88 2.40 -25.86 17.71
N SER B 89 3.67 -26.05 18.04
CA SER B 89 4.44 -27.15 17.55
C SER B 89 4.05 -28.51 18.16
N ASN B 90 3.28 -28.51 19.21
CA ASN B 90 2.72 -29.84 19.70
C ASN B 90 1.59 -30.26 18.92
N SER B 91 1.10 -29.50 17.91
CA SER B 91 -0.04 -29.87 17.10
C SER B 91 0.26 -29.89 15.62
N HIS B 92 1.54 -30.09 15.25
CA HIS B 92 1.86 -30.21 13.83
C HIS B 92 1.34 -31.49 13.17
N ARG B 93 1.14 -32.60 13.95
CA ARG B 93 0.59 -33.78 13.24
C ARG B 93 -0.72 -33.44 12.55
N PRO B 94 -0.89 -33.95 11.32
CA PRO B 94 -2.00 -33.42 10.54
C PRO B 94 -3.32 -33.63 11.25
N GLU B 95 -3.48 -34.76 12.01
CA GLU B 95 -4.71 -35.09 12.71
C GLU B 95 -5.06 -34.13 13.77
N LEU B 96 -4.07 -33.33 14.19
CA LEU B 96 -4.18 -32.46 15.36
C LEU B 96 -4.35 -30.98 15.01
N VAL B 97 -4.21 -30.64 13.74
CA VAL B 97 -4.21 -29.22 13.30
C VAL B 97 -5.60 -28.59 13.55
N ARG B 98 -6.64 -29.23 13.02
CA ARG B 98 -7.99 -28.69 13.13
C ARG B 98 -8.47 -28.58 14.59
N PRO B 99 -8.17 -29.61 15.37
CA PRO B 99 -8.42 -29.58 16.82
C PRO B 99 -7.81 -28.33 17.47
N ALA B 100 -6.55 -28.04 17.15
CA ALA B 100 -5.88 -26.87 17.69
C ALA B 100 -6.58 -25.56 17.26
N LEU B 101 -6.95 -25.47 16.00
CA LEU B 101 -7.63 -24.26 15.52
C LEU B 101 -8.99 -24.09 16.25
N GLU B 102 -9.70 -25.26 16.33
CA GLU B 102 -11.00 -25.20 17.05
C GLU B 102 -10.83 -24.82 18.49
N ARG B 103 -9.76 -25.25 19.17
CA ARG B 103 -9.51 -24.83 20.55
C ARG B 103 -9.27 -23.32 20.65
N SER B 104 -8.43 -22.79 19.70
CA SER B 104 -8.21 -21.27 19.69
C SER B 104 -9.59 -20.58 19.44
N LEU B 105 -10.34 -21.08 18.48
CA LEU B 105 -11.66 -20.42 18.19
C LEU B 105 -12.59 -20.46 19.39
N LYS B 106 -12.58 -21.60 20.12
CA LYS B 106 -13.42 -21.65 21.36
C LYS B 106 -12.96 -20.71 22.39
N ASN B 107 -11.66 -20.55 22.55
CA ASN B 107 -11.15 -19.57 23.50
C ASN B 107 -11.45 -18.14 23.12
N LEU B 108 -11.36 -17.86 21.79
CA LEU B 108 -11.68 -16.50 21.27
C LEU B 108 -13.17 -16.17 21.28
N GLN B 109 -13.95 -17.24 21.25
CA GLN B 109 -15.40 -17.15 20.91
C GLN B 109 -15.65 -16.42 19.59
N LEU B 110 -14.82 -16.76 18.57
CA LEU B 110 -15.03 -16.29 17.18
C LEU B 110 -15.34 -17.47 16.35
N ASP B 111 -16.03 -17.24 15.27
CA ASP B 111 -16.34 -18.29 14.29
C ASP B 111 -15.16 -18.66 13.34
N TYR B 112 -14.27 -17.69 13.10
CA TYR B 112 -13.14 -17.92 12.20
C TYR B 112 -12.02 -16.99 12.65
N VAL B 113 -10.80 -17.44 12.19
CA VAL B 113 -9.64 -16.48 12.20
C VAL B 113 -9.45 -16.02 10.76
N ASP B 114 -8.92 -14.75 10.70
CA ASP B 114 -8.58 -14.29 9.31
C ASP B 114 -7.32 -14.96 8.80
N LEU B 115 -6.44 -15.39 9.70
CA LEU B 115 -5.17 -16.00 9.26
C LEU B 115 -4.73 -17.03 10.31
N TYR B 116 -4.37 -18.22 9.85
CA TYR B 116 -3.81 -19.25 10.71
C TYR B 116 -2.42 -19.56 10.19
N LEU B 117 -1.45 -19.51 11.08
CA LEU B 117 0.00 -19.77 10.71
C LEU B 117 0.54 -21.03 11.36
N ILE B 118 1.41 -21.77 10.70
CA ILE B 118 2.32 -22.67 11.38
C ILE B 118 3.29 -21.79 12.17
N HIS B 119 3.30 -21.85 13.50
CA HIS B 119 4.08 -20.89 14.33
C HIS B 119 5.59 -21.05 14.18
N PHE B 120 6.08 -22.26 14.15
CA PHE B 120 7.51 -22.51 14.16
C PHE B 120 7.72 -23.91 13.57
N PRO B 121 8.66 -24.14 12.69
CA PRO B 121 8.72 -25.40 11.85
C PRO B 121 9.28 -26.62 12.60
N VAL B 122 9.69 -26.52 13.84
CA VAL B 122 10.26 -27.70 14.56
C VAL B 122 9.13 -28.29 15.40
N SER B 123 8.77 -29.53 15.19
CA SER B 123 7.67 -30.22 15.83
C SER B 123 8.12 -30.78 17.19
N VAL B 124 7.17 -30.76 18.14
CA VAL B 124 7.42 -31.43 19.44
C VAL B 124 6.29 -32.42 19.70
N LYS B 125 6.56 -33.35 20.66
CA LYS B 125 5.56 -34.37 20.89
C LYS B 125 4.21 -33.82 21.32
N PRO B 126 3.13 -34.42 20.85
CA PRO B 126 1.82 -33.92 21.16
C PRO B 126 1.38 -34.22 22.60
N GLY B 127 0.49 -33.44 23.09
CA GLY B 127 0.03 -33.51 24.50
C GLY B 127 -0.21 -32.14 25.01
N GLU B 128 -0.56 -32.02 26.28
CA GLU B 128 -0.91 -30.73 26.90
C GLU B 128 0.31 -29.87 27.10
N GLU B 129 1.51 -30.45 27.24
CA GLU B 129 2.67 -29.63 27.50
C GLU B 129 3.06 -28.94 26.19
N VAL B 130 3.23 -27.66 26.23
CA VAL B 130 3.73 -26.95 25.03
C VAL B 130 5.21 -27.17 24.70
N ILE B 131 5.99 -27.40 25.74
CA ILE B 131 7.42 -27.76 25.61
C ILE B 131 7.72 -29.06 26.43
N PRO B 132 7.31 -30.18 25.74
CA PRO B 132 7.50 -31.48 26.44
C PRO B 132 8.99 -31.84 26.57
N LYS B 133 9.35 -32.35 27.73
CA LYS B 133 10.71 -32.76 28.04
C LYS B 133 10.83 -34.15 28.69
N ASP B 134 11.98 -34.77 28.43
CA ASP B 134 12.35 -36.07 29.02
C ASP B 134 13.02 -35.84 30.38
N GLU B 135 13.50 -36.93 30.97
CA GLU B 135 13.97 -36.91 32.34
C GLU B 135 15.23 -36.24 32.53
N ASN B 136 15.96 -36.02 31.48
CA ASN B 136 17.18 -35.30 31.55
C ASN B 136 16.97 -33.86 31.21
N GLY B 137 15.71 -33.49 31.01
CA GLY B 137 15.33 -32.16 30.65
C GLY B 137 15.42 -31.81 29.20
N LYS B 138 15.66 -32.81 28.37
CA LYS B 138 15.79 -32.59 26.91
C LYS B 138 14.40 -32.55 26.25
N ILE B 139 14.24 -31.58 25.36
CA ILE B 139 12.99 -31.43 24.65
C ILE B 139 12.71 -32.69 23.84
N LEU B 140 11.47 -33.07 23.86
CA LEU B 140 10.99 -34.19 23.07
C LEU B 140 10.52 -33.79 21.67
N PHE B 141 11.42 -33.85 20.76
CA PHE B 141 11.09 -33.51 19.35
C PHE B 141 10.27 -34.58 18.70
N ASP B 142 9.53 -34.26 17.65
CA ASP B 142 8.66 -35.19 16.95
C ASP B 142 8.96 -35.12 15.49
N THR B 143 8.93 -36.23 14.75
CA THR B 143 9.20 -36.28 13.29
C THR B 143 7.90 -36.14 12.56
N VAL B 144 7.60 -34.99 11.94
CA VAL B 144 6.31 -34.68 11.26
C VAL B 144 6.67 -34.11 9.96
N ASP B 145 6.02 -34.59 8.90
CA ASP B 145 6.15 -33.98 7.53
C ASP B 145 5.27 -32.76 7.48
N LEU B 146 5.93 -31.56 7.44
CA LEU B 146 5.17 -30.33 7.44
C LEU B 146 4.35 -30.18 6.17
N CYS B 147 4.66 -30.92 5.09
CA CYS B 147 3.71 -30.93 3.95
C CYS B 147 2.34 -31.48 4.33
N ALA B 148 2.35 -32.52 5.19
CA ALA B 148 1.09 -33.06 5.68
C ALA B 148 0.38 -32.08 6.64
N THR B 149 1.18 -31.40 7.51
CA THR B 149 0.64 -30.32 8.33
C THR B 149 -0.08 -29.27 7.43
N TRP B 150 0.63 -28.94 6.29
CA TRP B 150 0.09 -27.93 5.41
C TRP B 150 -1.24 -28.36 4.78
N GLU B 151 -1.30 -29.61 4.36
CA GLU B 151 -2.59 -30.09 3.85
C GLU B 151 -3.72 -29.99 4.85
N ALA B 152 -3.45 -30.22 6.10
CA ALA B 152 -4.43 -30.01 7.14
C ALA B 152 -4.81 -28.54 7.25
N MET B 153 -3.81 -27.63 7.19
CA MET B 153 -4.10 -26.18 7.13
C MET B 153 -4.99 -25.85 5.94
N GLU B 154 -4.74 -26.44 4.77
CA GLU B 154 -5.59 -26.21 3.57
C GLU B 154 -7.02 -26.60 3.90
N LYS B 155 -7.20 -27.75 4.57
CA LYS B 155 -8.59 -28.18 4.90
C LYS B 155 -9.24 -27.22 5.87
N CYS B 156 -8.54 -26.59 6.84
CA CYS B 156 -9.09 -25.60 7.68
C CYS B 156 -9.63 -24.39 6.87
N LYS B 157 -8.86 -23.99 5.87
CA LYS B 157 -9.29 -22.91 4.98
C LYS B 157 -10.56 -23.32 4.20
N ASP B 158 -10.52 -24.53 3.64
CA ASP B 158 -11.75 -24.96 2.94
C ASP B 158 -12.95 -25.04 3.85
N ALA B 159 -12.78 -25.38 5.06
CA ALA B 159 -13.92 -25.41 6.06
C ALA B 159 -14.38 -24.02 6.45
N GLY B 160 -13.60 -22.96 6.16
CA GLY B 160 -13.99 -21.62 6.56
C GLY B 160 -13.48 -21.21 7.94
N LEU B 161 -12.75 -22.08 8.62
CA LEU B 161 -12.25 -21.80 9.92
C LEU B 161 -11.10 -20.76 9.92
N ALA B 162 -10.35 -20.74 8.83
CA ALA B 162 -9.29 -19.77 8.60
C ALA B 162 -9.57 -19.17 7.25
N LYS B 163 -9.67 -17.87 7.12
CA LYS B 163 -9.87 -17.28 5.78
C LYS B 163 -8.62 -17.41 4.92
N SER B 164 -7.44 -17.31 5.58
CA SER B 164 -6.16 -17.45 4.90
C SER B 164 -5.25 -18.26 5.81
N ILE B 165 -4.24 -18.90 5.15
CA ILE B 165 -3.22 -19.70 5.87
C ILE B 165 -1.85 -19.23 5.45
N GLY B 166 -0.92 -19.33 6.39
CA GLY B 166 0.47 -18.97 6.16
C GLY B 166 1.40 -19.62 7.12
N VAL B 167 2.63 -19.15 7.09
CA VAL B 167 3.66 -19.76 7.93
C VAL B 167 4.42 -18.67 8.72
N SER B 168 5.26 -19.10 9.68
CA SER B 168 6.07 -18.17 10.44
C SER B 168 7.35 -18.88 10.73
N ASN B 169 8.43 -18.08 10.76
CA ASN B 169 9.76 -18.66 11.09
C ASN B 169 10.16 -19.66 10.07
N PHE B 170 9.68 -19.58 8.81
CA PHE B 170 10.21 -20.42 7.74
C PHE B 170 11.43 -19.80 7.05
N ASN B 171 12.37 -20.66 6.65
CA ASN B 171 13.50 -20.21 5.86
C ASN B 171 13.21 -20.53 4.39
N HIS B 172 14.15 -20.17 3.54
CA HIS B 172 14.04 -20.46 2.11
C HIS B 172 13.69 -21.94 1.79
N ARG B 173 14.48 -22.83 2.40
CA ARG B 173 14.23 -24.27 2.15
C ARG B 173 12.85 -24.73 2.46
N LEU B 174 12.37 -24.31 3.65
CA LEU B 174 11.09 -24.73 4.13
C LEU B 174 10.00 -24.12 3.28
N LEU B 175 10.12 -22.84 2.88
CA LEU B 175 9.15 -22.27 1.98
C LEU B 175 9.11 -23.05 0.66
N GLU B 176 10.27 -23.35 0.14
CA GLU B 176 10.29 -24.14 -1.10
C GLU B 176 9.65 -25.48 -0.94
N MET B 177 9.83 -26.09 0.20
CA MET B 177 9.19 -27.40 0.42
C MET B 177 7.71 -27.31 0.33
N ILE B 178 7.09 -26.29 0.89
CA ILE B 178 5.66 -26.03 0.72
C ILE B 178 5.26 -25.67 -0.70
N LEU B 179 6.02 -24.72 -1.30
CA LEU B 179 5.61 -24.29 -2.62
C LEU B 179 5.74 -25.43 -3.63
N ASN B 180 6.65 -26.31 -3.42
CA ASN B 180 6.84 -27.41 -4.39
C ASN B 180 6.08 -28.65 -3.99
N LYS B 181 5.23 -28.60 -2.99
CA LYS B 181 4.54 -29.81 -2.57
C LYS B 181 3.60 -30.25 -3.68
N PRO B 182 3.73 -31.55 -4.07
CA PRO B 182 2.76 -32.09 -5.04
C PRO B 182 1.32 -31.91 -4.58
N GLY B 183 0.48 -31.38 -5.45
CA GLY B 183 -0.95 -31.31 -5.19
C GLY B 183 -1.23 -30.09 -4.30
N LEU B 184 -0.28 -29.19 -4.16
CA LEU B 184 -0.54 -27.92 -3.34
C LEU B 184 -1.83 -27.24 -3.75
N LYS B 185 -2.70 -26.91 -2.83
CA LYS B 185 -3.92 -26.17 -3.15
C LYS B 185 -3.75 -24.71 -2.93
N TYR B 186 -3.20 -24.30 -1.77
CA TYR B 186 -3.08 -22.88 -1.38
C TYR B 186 -1.67 -22.62 -0.97
N LYS B 187 -1.01 -21.63 -1.60
CA LYS B 187 0.30 -21.18 -1.17
C LYS B 187 0.17 -20.53 0.21
N PRO B 188 1.19 -20.47 0.99
CA PRO B 188 1.14 -19.61 2.18
C PRO B 188 0.91 -18.12 1.73
N VAL B 189 0.10 -17.41 2.42
CA VAL B 189 -0.08 -15.99 2.07
C VAL B 189 1.04 -15.15 2.61
N CYS B 190 1.75 -15.63 3.62
CA CYS B 190 2.76 -14.81 4.31
C CYS B 190 3.76 -15.70 4.93
N ASN B 191 4.89 -15.09 5.33
CA ASN B 191 5.89 -15.71 6.19
C ASN B 191 6.16 -14.66 7.24
N GLN B 192 5.70 -14.89 8.52
CA GLN B 192 5.95 -13.96 9.63
C GLN B 192 7.28 -14.23 10.26
N VAL B 193 8.21 -13.29 10.17
CA VAL B 193 9.58 -13.55 10.70
C VAL B 193 10.08 -12.26 11.34
N GLU B 194 11.14 -12.43 12.15
CA GLU B 194 11.80 -11.29 12.75
C GLU B 194 12.33 -10.36 11.65
N CYS B 195 12.07 -9.06 11.78
CA CYS B 195 12.58 -8.16 10.73
C CYS B 195 12.58 -6.75 11.29
N HIS B 196 13.75 -6.11 11.13
CA HIS B 196 13.96 -4.72 11.68
C HIS B 196 15.24 -4.23 11.03
N PRO B 197 15.63 -2.96 11.25
CA PRO B 197 16.87 -2.45 10.61
C PRO B 197 18.12 -3.16 10.94
N TYR B 198 18.25 -3.86 12.08
CA TYR B 198 19.45 -4.62 12.34
C TYR B 198 19.46 -6.02 11.76
N PHE B 199 18.35 -6.43 11.18
CA PHE B 199 18.15 -7.76 10.62
C PHE B 199 17.07 -7.61 9.53
N ASN B 200 17.47 -6.98 8.40
CA ASN B 200 16.44 -6.50 7.47
C ASN B 200 15.92 -7.59 6.55
N GLN B 201 16.47 -8.78 6.54
CA GLN B 201 15.90 -9.92 5.82
C GLN B 201 15.79 -9.71 4.37
N ARG B 202 16.67 -8.90 3.74
CA ARG B 202 16.60 -8.63 2.27
CA ARG B 202 16.40 -8.59 2.34
C ARG B 202 16.42 -9.88 1.45
N LYS B 203 17.32 -10.84 1.71
CA LYS B 203 17.30 -12.01 0.86
C LYS B 203 15.98 -12.79 0.96
N LEU B 204 15.56 -13.05 2.20
CA LEU B 204 14.31 -13.79 2.38
C LEU B 204 13.14 -12.95 1.87
N LEU B 205 13.14 -11.63 2.11
CA LEU B 205 12.10 -10.75 1.59
C LEU B 205 12.00 -10.86 0.10
N ASP B 206 13.14 -10.76 -0.58
CA ASP B 206 13.06 -10.90 -2.06
C ASP B 206 12.52 -12.21 -2.51
N PHE B 207 12.95 -13.28 -1.80
CA PHE B 207 12.38 -14.56 -2.20
C PHE B 207 10.87 -14.59 -2.04
N CYS B 208 10.37 -14.10 -0.91
CA CYS B 208 8.94 -14.01 -0.68
C CYS B 208 8.27 -13.14 -1.73
N LYS B 209 8.83 -11.98 -2.03
CA LYS B 209 8.11 -11.23 -3.06
CA LYS B 209 8.30 -11.09 -3.12
C LYS B 209 8.15 -11.91 -4.37
N SER B 210 9.17 -12.69 -4.73
CA SER B 210 9.15 -13.38 -6.04
C SER B 210 8.08 -14.35 -6.14
N LYS B 211 7.49 -14.80 -5.00
CA LYS B 211 6.41 -15.80 -4.97
C LYS B 211 5.09 -15.17 -4.56
N ASP B 212 5.05 -13.85 -4.43
CA ASP B 212 3.85 -13.12 -3.93
C ASP B 212 3.45 -13.60 -2.53
N ILE B 213 4.42 -13.90 -1.71
CA ILE B 213 4.24 -14.15 -0.25
C ILE B 213 4.57 -12.90 0.46
N VAL B 214 3.67 -12.34 1.30
CA VAL B 214 3.96 -11.15 2.13
C VAL B 214 4.80 -11.57 3.33
N LEU B 215 5.87 -10.82 3.52
CA LEU B 215 6.69 -10.96 4.72
C LEU B 215 6.01 -10.06 5.77
N VAL B 216 5.74 -10.63 6.92
CA VAL B 216 5.18 -9.91 8.07
C VAL B 216 6.25 -9.87 9.13
N ALA B 217 6.60 -8.63 9.55
CA ALA B 217 7.76 -8.44 10.44
C ALA B 217 7.30 -8.44 11.88
N TYR B 218 7.91 -9.35 12.66
CA TYR B 218 7.81 -9.28 14.14
C TYR B 218 9.13 -8.79 14.73
N SER B 219 9.05 -8.39 15.99
CA SER B 219 10.18 -7.74 16.67
C SER B 219 10.71 -6.50 15.87
N ALA B 220 9.78 -5.84 15.19
CA ALA B 220 10.11 -4.70 14.29
C ALA B 220 10.65 -3.50 15.06
N LEU B 221 10.33 -3.46 16.34
CA LEU B 221 10.81 -2.41 17.27
C LEU B 221 11.98 -2.91 18.10
N GLY B 222 12.56 -4.05 17.78
CA GLY B 222 13.73 -4.56 18.54
C GLY B 222 13.39 -5.61 19.59
N SER B 223 12.15 -6.05 19.59
CA SER B 223 11.64 -7.20 20.41
C SER B 223 11.29 -6.84 21.85
N HIS B 224 10.62 -7.76 22.49
CA HIS B 224 10.29 -7.62 23.90
C HIS B 224 11.51 -7.78 24.79
N ARG B 225 12.61 -8.29 24.27
CA ARG B 225 13.84 -8.37 25.03
C ARG B 225 13.60 -9.12 26.34
N GLU B 226 12.75 -10.14 26.28
CA GLU B 226 12.48 -11.05 27.45
C GLU B 226 13.57 -12.06 27.54
N GLU B 227 14.17 -12.22 28.75
CA GLU B 227 15.13 -13.31 29.09
C GLU B 227 14.30 -14.50 29.40
N PRO B 228 14.66 -15.68 28.99
CA PRO B 228 15.95 -16.05 28.41
C PRO B 228 15.91 -16.04 26.90
N TRP B 229 14.86 -15.50 26.31
CA TRP B 229 14.68 -15.62 24.84
C TRP B 229 15.62 -14.67 24.10
N VAL B 230 15.90 -13.49 24.66
CA VAL B 230 16.70 -12.45 24.01
C VAL B 230 17.87 -12.19 24.97
N ASP B 231 19.07 -12.14 24.43
CA ASP B 231 20.24 -11.79 25.25
C ASP B 231 20.22 -10.32 25.65
N PRO B 232 20.43 -9.98 26.93
CA PRO B 232 20.31 -8.61 27.36
C PRO B 232 21.43 -7.71 26.88
N ASN B 233 22.52 -8.27 26.38
CA ASN B 233 23.59 -7.49 25.78
C ASN B 233 23.49 -7.35 24.25
N SER B 234 22.39 -7.83 23.70
CA SER B 234 22.10 -7.54 22.24
C SER B 234 21.88 -6.00 22.21
N PRO B 235 22.20 -5.37 21.08
CA PRO B 235 22.00 -3.91 20.97
C PRO B 235 20.59 -3.51 21.00
N VAL B 236 20.26 -2.37 21.53
CA VAL B 236 18.88 -1.91 21.69
C VAL B 236 18.52 -1.15 20.43
N LEU B 237 17.68 -1.75 19.58
CA LEU B 237 17.35 -1.15 18.25
C LEU B 237 16.96 0.29 18.36
N LEU B 238 16.06 0.64 19.28
CA LEU B 238 15.52 2.00 19.27
C LEU B 238 16.51 3.05 19.82
N GLU B 239 17.65 2.62 20.30
CA GLU B 239 18.72 3.59 20.62
C GLU B 239 19.60 3.83 19.46
N ASP B 240 19.35 3.27 18.25
CA ASP B 240 20.24 3.40 17.16
C ASP B 240 20.40 4.89 16.82
N PRO B 241 21.64 5.37 16.57
CA PRO B 241 21.80 6.83 16.35
C PRO B 241 21.25 7.29 14.99
N VAL B 242 21.31 6.49 13.96
CA VAL B 242 20.66 6.89 12.67
C VAL B 242 19.17 6.97 12.83
N LEU B 243 18.53 5.96 13.45
CA LEU B 243 17.07 6.02 13.63
C LEU B 243 16.69 7.24 14.47
N CYS B 244 17.51 7.55 15.53
CA CYS B 244 17.19 8.66 16.40
C CYS B 244 17.37 9.98 15.65
N ALA B 245 18.41 10.07 14.81
CA ALA B 245 18.61 11.35 14.09
C ALA B 245 17.49 11.54 13.05
N LEU B 246 17.03 10.48 12.36
CA LEU B 246 15.92 10.58 11.45
C LEU B 246 14.65 10.95 12.20
N ALA B 247 14.44 10.37 13.37
CA ALA B 247 13.27 10.70 14.20
C ALA B 247 13.28 12.17 14.51
N LYS B 248 14.41 12.71 14.98
CA LYS B 248 14.46 14.14 15.42
C LYS B 248 14.25 14.96 14.16
N LYS B 249 14.81 14.58 13.02
CA LYS B 249 14.64 15.40 11.82
C LYS B 249 13.16 15.52 11.42
N HIS B 250 12.41 14.42 11.58
CA HIS B 250 10.99 14.30 11.19
C HIS B 250 10.05 14.68 12.28
N LYS B 251 10.53 15.00 13.46
CA LYS B 251 9.68 15.21 14.62
C LYS B 251 8.77 14.00 14.88
N ARG B 252 9.37 12.82 14.75
CA ARG B 252 8.71 11.53 15.01
C ARG B 252 9.54 10.84 16.10
N THR B 253 9.55 9.53 16.12
CA THR B 253 10.23 8.77 17.12
C THR B 253 10.98 7.68 16.35
N PRO B 254 11.95 7.08 17.03
CA PRO B 254 12.72 5.99 16.41
C PRO B 254 11.84 4.81 16.05
N ALA B 255 10.88 4.48 16.92
CA ALA B 255 9.92 3.39 16.64
C ALA B 255 9.18 3.69 15.31
N LEU B 256 8.68 4.93 15.13
CA LEU B 256 7.97 5.29 13.94
C LEU B 256 8.84 5.17 12.71
N ILE B 257 10.15 5.58 12.80
CA ILE B 257 11.02 5.43 11.66
C ILE B 257 11.15 3.93 11.31
N ALA B 258 11.33 3.08 12.33
CA ALA B 258 11.48 1.61 12.08
C ALA B 258 10.21 1.02 11.49
N LEU B 259 9.06 1.46 11.92
CA LEU B 259 7.84 0.96 11.32
C LEU B 259 7.64 1.44 9.86
N ARG B 260 7.93 2.70 9.61
CA ARG B 260 7.70 3.25 8.27
C ARG B 260 8.67 2.62 7.27
N TYR B 261 9.90 2.35 7.69
CA TYR B 261 10.85 1.63 6.86
C TYR B 261 10.24 0.38 6.31
N GLN B 262 9.61 -0.41 7.17
CA GLN B 262 9.04 -1.68 6.72
C GLN B 262 7.89 -1.44 5.71
N LEU B 263 7.02 -0.49 6.02
CA LEU B 263 5.89 -0.26 5.09
C LEU B 263 6.42 0.08 3.68
N GLN B 264 7.43 0.92 3.59
CA GLN B 264 7.94 1.32 2.28
C GLN B 264 8.64 0.24 1.50
N ARG B 265 9.15 -0.75 2.17
CA ARG B 265 9.81 -1.88 1.47
C ARG B 265 8.83 -3.03 1.24
N GLY B 266 7.52 -2.79 1.43
CA GLY B 266 6.50 -3.79 1.05
C GLY B 266 6.24 -4.88 2.09
N VAL B 267 6.68 -4.60 3.34
CA VAL B 267 6.53 -5.50 4.50
C VAL B 267 5.28 -5.05 5.26
N VAL B 268 4.56 -6.04 5.76
CA VAL B 268 3.47 -5.78 6.72
C VAL B 268 4.11 -5.82 8.10
N VAL B 269 3.91 -4.77 8.91
CA VAL B 269 4.66 -4.64 10.14
C VAL B 269 3.78 -4.77 11.38
N LEU B 270 4.25 -5.57 12.32
CA LEU B 270 3.59 -5.65 13.64
C LEU B 270 4.25 -4.70 14.60
N ALA B 271 3.52 -4.31 15.64
CA ALA B 271 4.11 -3.45 16.73
C ALA B 271 3.30 -3.83 17.96
N LYS B 272 4.01 -4.36 18.97
CA LYS B 272 3.35 -4.58 20.27
C LYS B 272 3.57 -3.37 21.14
N SER B 273 2.46 -2.88 21.73
CA SER B 273 2.60 -1.97 22.90
C SER B 273 1.38 -2.18 23.78
N TYR B 274 1.62 -2.19 25.11
CA TYR B 274 0.49 -2.18 26.07
C TYR B 274 0.38 -0.86 26.68
N ASN B 275 0.97 0.16 26.13
CA ASN B 275 0.91 1.53 26.66
C ASN B 275 0.02 2.40 25.81
N GLU B 276 -0.93 3.09 26.38
CA GLU B 276 -1.92 3.75 25.61
C GLU B 276 -1.33 4.80 24.65
N GLN B 277 -0.39 5.62 25.12
CA GLN B 277 0.21 6.62 24.26
C GLN B 277 1.01 6.05 23.11
N ARG B 278 1.76 5.02 23.43
CA ARG B 278 2.58 4.36 22.41
C ARG B 278 1.72 3.68 21.35
N ILE B 279 0.61 3.10 21.77
CA ILE B 279 -0.29 2.42 20.83
C ILE B 279 -0.78 3.49 19.83
N ARG B 280 -1.20 4.65 20.33
CA ARG B 280 -1.68 5.72 19.47
C ARG B 280 -0.51 6.28 18.63
N GLN B 281 0.66 6.37 19.22
CA GLN B 281 1.80 6.87 18.48
C GLN B 281 2.07 6.00 17.27
N ASN B 282 2.01 4.69 17.44
CA ASN B 282 2.42 3.78 16.36
C ASN B 282 1.54 3.90 15.15
N VAL B 283 0.27 4.29 15.29
CA VAL B 283 -0.58 4.49 14.17
CA VAL B 283 -0.54 4.42 14.13
C VAL B 283 -0.19 5.70 13.34
N GLN B 284 0.68 6.56 13.84
CA GLN B 284 1.20 7.69 13.05
C GLN B 284 2.11 7.29 11.94
N VAL B 285 2.44 5.99 11.79
CA VAL B 285 3.22 5.58 10.65
C VAL B 285 2.60 5.98 9.34
N PHE B 286 1.28 6.20 9.25
CA PHE B 286 0.62 6.60 8.01
C PHE B 286 0.68 8.08 7.78
N GLU B 287 1.32 8.85 8.62
CA GLU B 287 1.27 10.30 8.54
C GLU B 287 2.50 10.93 7.93
N PHE B 288 3.51 10.18 7.56
CA PHE B 288 4.75 10.74 6.97
C PHE B 288 5.38 9.73 6.10
N GLN B 289 6.36 10.13 5.37
CA GLN B 289 7.10 9.23 4.44
C GLN B 289 8.56 9.45 4.46
N LEU B 290 9.34 8.45 4.15
CA LEU B 290 10.79 8.51 4.07
C LEU B 290 11.25 8.65 2.66
N THR B 291 12.28 9.45 2.42
CA THR B 291 12.86 9.58 1.08
C THR B 291 13.72 8.40 0.73
N SER B 292 14.12 8.28 -0.53
CA SER B 292 15.01 7.19 -0.98
C SER B 292 16.34 7.24 -0.23
N GLU B 293 16.92 8.41 0.04
CA GLU B 293 18.16 8.42 0.79
C GLU B 293 17.97 8.01 2.19
N GLU B 294 16.83 8.32 2.81
CA GLU B 294 16.55 7.86 4.18
C GLU B 294 16.39 6.34 4.19
N MET B 295 15.69 5.78 3.23
CA MET B 295 15.54 4.33 3.14
C MET B 295 16.90 3.67 2.98
N LYS B 296 17.78 4.24 2.15
CA LYS B 296 19.15 3.69 1.97
C LYS B 296 19.95 3.81 3.25
N ALA B 297 19.83 4.87 4.00
CA ALA B 297 20.52 4.97 5.28
C ALA B 297 20.08 3.89 6.22
N ILE B 298 18.77 3.61 6.27
CA ILE B 298 18.24 2.56 7.17
C ILE B 298 18.68 1.20 6.69
N ASP B 299 18.68 0.94 5.39
CA ASP B 299 19.23 -0.31 4.81
C ASP B 299 20.67 -0.50 5.28
N GLY B 300 21.44 0.56 5.42
CA GLY B 300 22.84 0.43 5.84
C GLY B 300 23.00 0.05 7.30
N LEU B 301 21.94 -0.07 8.08
CA LEU B 301 22.08 -0.42 9.49
C LEU B 301 22.12 -1.95 9.69
N ASN B 302 21.85 -2.68 8.63
CA ASN B 302 21.76 -4.15 8.71
C ASN B 302 23.04 -4.73 9.31
N ARG B 303 22.93 -5.58 10.31
CA ARG B 303 24.10 -6.01 11.03
C ARG B 303 23.99 -7.40 11.65
N ASN B 304 23.11 -8.23 11.13
CA ASN B 304 23.05 -9.65 11.54
C ASN B 304 22.69 -9.85 12.98
N VAL B 305 21.88 -8.96 13.53
CA VAL B 305 21.39 -9.15 14.92
C VAL B 305 20.01 -9.82 14.88
N ARG B 306 19.97 -11.10 15.21
CA ARG B 306 18.74 -11.86 15.40
C ARG B 306 18.41 -11.87 16.84
N TYR B 307 17.44 -11.18 17.31
CA TYR B 307 17.12 -11.17 18.71
C TYR B 307 16.57 -12.53 19.13
N LEU B 308 15.73 -13.17 18.35
CA LEU B 308 14.98 -14.35 18.79
CA LEU B 308 14.99 -14.34 18.79
C LEU B 308 15.51 -15.54 17.99
N THR B 309 16.47 -16.23 18.59
CA THR B 309 17.01 -17.40 17.89
C THR B 309 16.20 -18.64 18.14
N LEU B 310 15.45 -18.69 19.23
CA LEU B 310 14.67 -19.87 19.62
C LEU B 310 15.50 -21.14 19.49
N ASP B 311 16.74 -21.03 19.95
CA ASP B 311 17.69 -22.17 19.89
C ASP B 311 17.41 -23.36 20.79
N ILE B 312 16.42 -23.20 21.66
CA ILE B 312 15.90 -24.39 22.35
C ILE B 312 15.40 -25.41 21.37
N PHE B 313 15.04 -24.96 20.16
CA PHE B 313 14.56 -25.84 19.11
C PHE B 313 15.58 -26.25 18.08
N ALA B 314 16.86 -25.89 18.32
CA ALA B 314 17.88 -26.25 17.38
C ALA B 314 18.26 -27.75 17.45
N GLY B 315 18.66 -28.29 16.34
CA GLY B 315 19.08 -29.70 16.26
C GLY B 315 18.36 -30.38 15.09
N PRO B 316 17.00 -30.41 15.15
CA PRO B 316 16.27 -31.02 14.03
C PRO B 316 16.52 -30.34 12.70
N PRO B 317 16.46 -31.02 11.57
CA PRO B 317 16.62 -30.38 10.27
C PRO B 317 15.72 -29.20 9.97
N ASN B 318 14.55 -29.15 10.58
CA ASN B 318 13.65 -28.05 10.30
C ASN B 318 13.97 -26.84 11.10
N TYR B 319 14.92 -26.88 12.06
CA TYR B 319 15.27 -25.65 12.74
C TYR B 319 15.73 -24.65 11.64
N PRO B 320 15.11 -23.42 11.67
CA PRO B 320 15.16 -22.58 10.43
C PRO B 320 16.33 -21.68 10.35
N PHE B 321 17.12 -21.44 11.44
CA PHE B 321 18.03 -20.31 11.43
C PHE B 321 19.45 -20.75 11.25
N SER B 322 19.74 -22.00 10.94
CA SER B 322 21.16 -22.36 10.69
C SER B 322 21.45 -22.09 9.23
N ASP B 323 20.54 -22.15 8.26
CA ASP B 323 20.86 -21.79 6.89
C ASP B 323 21.06 -20.29 6.74
N GLU B 324 21.75 -19.89 5.65
CA GLU B 324 21.97 -18.48 5.44
C GLU B 324 20.67 -17.66 5.46
N TYR B 325 19.68 -18.13 4.74
CA TYR B 325 18.30 -17.55 4.82
C TYR B 325 17.37 -18.66 4.37
#